data_3WCO
#
_entry.id   3WCO
#
_cell.length_a   59.190
_cell.length_b   81.286
_cell.length_c   95.537
_cell.angle_alpha   90.000
_cell.angle_beta   92.230
_cell.angle_gamma   90.000
#
_symmetry.space_group_name_H-M   'P 1 21 1'
#
loop_
_entity.id
_entity.type
_entity.pdbx_description
1 polymer 'L-seryl-tRNA(Sec) selenium transferase'
2 non-polymer THIOSULFATE
3 water water
#
_entity_poly.entity_id   1
_entity_poly.type   'polypeptide(L)'
_entity_poly.pdbx_seq_one_letter_code
;(MSE)KSL(MSE)KPNIKRVINATGVVINTNLGRAPLSKDVINFISEIANGYSNLEYNLEEGKRGSRIAHIEKYLNELTG
AESSFVVNNNAGAVFLVLNTLAEGKEVIISRGELVEIGGSFRIPDI(MSE)KKSGAILREVGYYNKTKVSRYEGAINQNT
ALL(MSE)KVHKSNFP(MSE)EGFVEEVKLEDLVKLGHKYGIPTYYDAGSGLLINLKEFGISVDEPNFRDCISLGIDLVS
GSGD(LLP)LLGGPQAGIIVGKKNLIEKIKKNPIARALRIDKLTLSGLE(MSE)TLKLYFEKRYEDIPVIR(MSE)LTQD
EKALRQKAKRLEKLLKDIPGLKISVIKDKAKPGGGSLPELELPTYCVAIRHDRLSSQELSRRLRLAEPPIVCRIREDQLL
FD(MSE)RTVFHEDLKTIKKTLQELLSI
;
_entity_poly.pdbx_strand_id   A,B
#
loop_
_chem_comp.id
_chem_comp.type
_chem_comp.name
_chem_comp.formula
THJ non-polymer THIOSULFATE 'O3 S2 -2'
#
# COMPACT_ATOMS: atom_id res chain seq x y z
N MSE A 1 -16.11 -21.81 5.37
CA MSE A 1 -16.34 -22.96 6.22
C MSE A 1 -16.02 -22.65 7.68
O MSE A 1 -16.68 -23.16 8.60
CB MSE A 1 -15.51 -24.16 5.74
CG MSE A 1 -15.43 -25.32 6.73
SE MSE A 1 -14.20 -26.73 6.23
CE MSE A 1 -15.23 -27.57 4.82
N LYS A 2 -15.02 -21.81 7.90
CA LYS A 2 -14.52 -21.51 9.25
C LYS A 2 -14.49 -20.01 9.57
N SER A 3 -15.67 -19.40 9.63
CA SER A 3 -15.78 -17.97 9.97
C SER A 3 -17.08 -17.64 10.70
N LEU A 4 -16.94 -17.11 11.91
CA LEU A 4 -18.10 -16.78 12.75
C LEU A 4 -18.94 -15.71 12.04
N MSE A 5 -18.30 -14.58 11.76
CA MSE A 5 -18.85 -13.59 10.87
C MSE A 5 -18.05 -13.59 9.58
O MSE A 5 -16.82 -13.72 9.63
CB MSE A 5 -18.76 -12.21 11.51
CG MSE A 5 -19.29 -12.14 12.91
SE MSE A 5 -19.55 -10.29 13.42
CE MSE A 5 -20.70 -9.74 11.96
N LYS A 6 -18.72 -13.47 8.45
CA LYS A 6 -18.04 -13.39 7.17
C LYS A 6 -17.38 -12.00 7.00
N PRO A 7 -16.18 -11.96 6.40
CA PRO A 7 -15.48 -10.69 6.18
C PRO A 7 -16.26 -9.74 5.25
N ASN A 8 -16.12 -8.43 5.40
CA ASN A 8 -16.83 -7.51 4.52
C ASN A 8 -16.24 -7.45 3.10
N ILE A 9 -14.93 -7.66 2.99
CA ILE A 9 -14.31 -7.65 1.68
C ILE A 9 -14.50 -9.04 1.11
N LYS A 10 -15.01 -9.14 -0.11
CA LYS A 10 -15.27 -10.48 -0.62
C LYS A 10 -15.03 -10.62 -2.11
N ARG A 11 -14.79 -11.84 -2.56
CA ARG A 11 -14.60 -12.08 -3.98
C ARG A 11 -15.93 -11.91 -4.68
N VAL A 12 -15.90 -11.41 -5.91
CA VAL A 12 -17.12 -11.15 -6.66
C VAL A 12 -16.93 -11.61 -8.10
N ILE A 13 -17.93 -12.26 -8.69
CA ILE A 13 -17.87 -12.53 -10.11
C ILE A 13 -18.14 -11.25 -10.87
N ASN A 14 -17.15 -10.80 -11.64
CA ASN A 14 -17.31 -9.57 -12.43
C ASN A 14 -17.87 -9.82 -13.84
N ALA A 15 -19.10 -9.41 -14.08
CA ALA A 15 -19.72 -9.65 -15.39
C ALA A 15 -20.04 -8.37 -16.13
N THR A 16 -19.34 -7.29 -15.79
CA THR A 16 -19.63 -5.98 -16.37
C THR A 16 -18.96 -5.83 -17.71
N GLY A 17 -17.89 -6.60 -17.91
CA GLY A 17 -17.04 -6.47 -19.08
C GLY A 17 -15.96 -5.43 -18.92
N VAL A 18 -15.96 -4.75 -17.77
CA VAL A 18 -14.88 -3.80 -17.50
C VAL A 18 -13.67 -4.47 -16.83
N VAL A 19 -12.59 -4.65 -17.58
CA VAL A 19 -11.38 -5.25 -17.06
C VAL A 19 -10.78 -4.35 -15.97
N ILE A 20 -10.58 -3.08 -16.31
CA ILE A 20 -10.05 -2.11 -15.38
C ILE A 20 -11.18 -1.49 -14.54
N ASN A 21 -11.88 -2.33 -13.77
CA ASN A 21 -13.06 -1.89 -13.03
C ASN A 21 -12.67 -1.43 -11.64
N THR A 22 -12.52 -0.12 -11.47
CA THR A 22 -12.18 0.47 -10.18
C THR A 22 -13.08 0.02 -9.02
N ASN A 23 -14.40 0.13 -9.18
CA ASN A 23 -15.33 -0.38 -8.16
C ASN A 23 -14.99 -1.80 -7.70
N LEU A 24 -14.50 -2.62 -8.64
CA LEU A 24 -14.33 -4.03 -8.35
C LEU A 24 -12.88 -4.48 -8.08
N GLY A 25 -11.99 -3.53 -7.82
CA GLY A 25 -10.61 -3.83 -7.44
C GLY A 25 -9.54 -3.66 -8.51
N ARG A 26 -9.90 -3.09 -9.66
CA ARG A 26 -8.93 -2.95 -10.76
C ARG A 26 -8.27 -4.29 -11.13
N ALA A 27 -6.97 -4.27 -11.43
CA ALA A 27 -6.29 -5.48 -11.90
C ALA A 27 -6.19 -6.61 -10.87
N PRO A 28 -6.76 -7.77 -11.19
CA PRO A 28 -6.55 -9.01 -10.42
C PRO A 28 -5.14 -9.53 -10.67
N LEU A 29 -4.62 -10.34 -9.76
CA LEU A 29 -3.24 -10.79 -9.87
C LEU A 29 -3.20 -12.28 -10.11
N SER A 30 -2.18 -12.74 -10.84
CA SER A 30 -2.00 -14.16 -11.10
C SER A 30 -1.56 -14.87 -9.82
N LYS A 31 -1.76 -16.18 -9.79
CA LYS A 31 -1.32 -17.01 -8.68
C LYS A 31 0.18 -16.90 -8.52
N ASP A 32 0.90 -16.77 -9.64
CA ASP A 32 2.36 -16.65 -9.58
C ASP A 32 2.78 -15.39 -8.84
N VAL A 33 2.09 -14.29 -9.11
CA VAL A 33 2.39 -13.06 -8.39
C VAL A 33 1.98 -13.19 -6.91
N ILE A 34 0.80 -13.75 -6.66
CA ILE A 34 0.28 -13.85 -5.30
C ILE A 34 1.18 -14.76 -4.45
N ASN A 35 1.65 -15.87 -5.03
CA ASN A 35 2.57 -16.81 -4.34
C ASN A 35 3.85 -16.14 -3.88
N PHE A 36 4.43 -15.31 -4.75
CA PHE A 36 5.61 -14.58 -4.37
C PHE A 36 5.33 -13.63 -3.20
N ILE A 37 4.27 -12.82 -3.34
CA ILE A 37 3.81 -11.91 -2.31
C ILE A 37 3.64 -12.67 -1.01
N SER A 38 3.13 -13.88 -1.12
CA SER A 38 2.89 -14.72 0.04
C SER A 38 4.19 -15.12 0.71
N GLU A 39 5.13 -15.66 -0.05
CA GLU A 39 6.42 -16.02 0.52
C GLU A 39 7.08 -14.83 1.22
N ILE A 40 7.15 -13.69 0.56
CA ILE A 40 7.80 -12.53 1.16
C ILE A 40 7.09 -12.18 2.47
N ALA A 41 5.77 -12.32 2.51
CA ALA A 41 5.02 -11.84 3.66
C ALA A 41 5.00 -12.80 4.86
N ASN A 42 5.25 -14.08 4.61
CA ASN A 42 5.07 -15.10 5.66
C ASN A 42 6.32 -15.30 6.53
N GLY A 43 7.02 -14.21 6.83
CA GLY A 43 8.28 -14.27 7.54
C GLY A 43 9.01 -12.95 7.40
N TYR A 44 10.31 -12.94 7.65
CA TYR A 44 11.07 -11.70 7.47
C TYR A 44 11.78 -11.67 6.11
N SER A 45 12.23 -10.49 5.68
CA SER A 45 12.83 -10.35 4.36
C SER A 45 13.90 -9.28 4.37
N ASN A 46 14.44 -8.97 3.19
CA ASN A 46 15.46 -7.93 3.06
C ASN A 46 14.79 -6.69 2.49
N LEU A 47 13.53 -6.49 2.89
CA LEU A 47 12.73 -5.40 2.35
C LEU A 47 13.47 -4.07 2.40
N GLU A 48 14.04 -3.73 3.56
CA GLU A 48 14.76 -2.47 3.70
C GLU A 48 16.19 -2.74 4.13
N TYR A 49 16.75 -3.83 3.62
CA TYR A 49 18.07 -4.26 4.07
C TYR A 49 19.01 -4.62 2.91
N ASN A 50 20.20 -4.02 2.89
CA ASN A 50 21.22 -4.34 1.90
C ASN A 50 22.07 -5.51 2.39
N LEU A 51 21.75 -6.71 1.93
CA LEU A 51 22.45 -7.90 2.34
C LEU A 51 23.96 -7.85 2.13
N GLU A 52 24.42 -7.17 1.08
CA GLU A 52 25.86 -7.08 0.85
C GLU A 52 26.55 -6.35 1.99
N GLU A 53 26.08 -5.14 2.27
CA GLU A 53 26.74 -4.29 3.26
C GLU A 53 26.33 -4.58 4.70
N GLY A 54 25.28 -5.36 4.87
CA GLY A 54 24.75 -5.65 6.19
C GLY A 54 24.19 -4.42 6.87
N LYS A 55 23.54 -3.54 6.09
CA LYS A 55 23.02 -2.27 6.60
C LYS A 55 21.67 -1.92 5.95
N ARG A 56 20.95 -0.94 6.51
CA ARG A 56 19.70 -0.45 5.93
C ARG A 56 19.91 0.00 4.48
N GLY A 57 18.93 -0.29 3.63
CA GLY A 57 18.93 0.22 2.27
C GLY A 57 17.50 0.51 1.87
N SER A 58 17.30 1.29 0.82
CA SER A 58 15.94 1.65 0.42
C SER A 58 15.30 0.52 -0.39
N ARG A 59 14.01 0.32 -0.16
CA ARG A 59 13.27 -0.74 -0.83
C ARG A 59 13.15 -0.55 -2.34
N ILE A 60 13.27 0.68 -2.82
CA ILE A 60 13.12 0.86 -4.26
C ILE A 60 14.33 0.31 -5.00
N ALA A 61 15.41 0.00 -4.30
CA ALA A 61 16.56 -0.57 -5.01
C ALA A 61 16.14 -1.93 -5.56
N HIS A 62 15.17 -2.56 -4.91
CA HIS A 62 14.65 -3.85 -5.37
C HIS A 62 13.97 -3.84 -6.76
N ILE A 63 13.49 -2.70 -7.23
CA ILE A 63 12.82 -2.68 -8.53
C ILE A 63 13.20 -1.56 -9.48
N GLU A 64 14.14 -0.69 -9.11
CA GLU A 64 14.38 0.48 -9.96
C GLU A 64 14.91 0.08 -11.32
N LYS A 65 15.79 -0.91 -11.34
CA LYS A 65 16.43 -1.35 -12.56
C LYS A 65 15.46 -1.99 -13.56
N TYR A 66 14.47 -2.73 -13.08
CA TYR A 66 13.45 -3.29 -13.97
C TYR A 66 12.80 -2.12 -14.68
N LEU A 67 12.29 -1.19 -13.89
CA LEU A 67 11.62 0.00 -14.42
C LEU A 67 12.50 0.72 -15.44
N ASN A 68 13.76 0.94 -15.08
CA ASN A 68 14.68 1.64 -15.99
C ASN A 68 14.87 0.91 -17.31
N GLU A 69 15.13 -0.39 -17.26
CA GLU A 69 15.28 -1.20 -18.48
C GLU A 69 14.02 -1.20 -19.31
N LEU A 70 12.87 -1.37 -18.65
CA LEU A 70 11.60 -1.48 -19.37
C LEU A 70 11.12 -0.17 -20.00
N THR A 71 11.65 0.96 -19.56
CA THR A 71 11.17 2.25 -20.03
C THR A 71 12.22 3.11 -20.69
N GLY A 72 13.49 2.77 -20.49
CA GLY A 72 14.59 3.55 -21.04
C GLY A 72 14.94 4.80 -20.26
N ALA A 73 14.21 5.05 -19.16
CA ALA A 73 14.46 6.26 -18.39
C ALA A 73 15.79 6.18 -17.63
N GLU A 74 16.34 7.33 -17.24
CA GLU A 74 17.58 7.33 -16.49
C GLU A 74 17.35 6.77 -15.10
N SER A 75 16.21 7.11 -14.50
CA SER A 75 15.91 6.69 -13.13
C SER A 75 14.42 6.51 -12.86
N SER A 76 14.08 5.96 -11.70
CA SER A 76 12.69 5.66 -11.38
C SER A 76 12.38 5.59 -9.88
N PHE A 77 11.12 5.87 -9.56
CA PHE A 77 10.67 5.81 -8.19
C PHE A 77 9.24 5.29 -8.21
N VAL A 78 8.84 4.70 -7.10
CA VAL A 78 7.49 4.18 -6.96
C VAL A 78 6.90 4.61 -5.64
N VAL A 79 5.69 5.15 -5.68
CA VAL A 79 5.00 5.53 -4.45
C VAL A 79 3.63 4.88 -4.39
N ASN A 80 2.87 5.26 -3.36
CA ASN A 80 1.66 4.58 -2.98
C ASN A 80 0.70 4.36 -4.15
N ASN A 81 0.36 5.45 -4.82
CA ASN A 81 -0.51 5.38 -6.00
C ASN A 81 -0.19 6.56 -6.91
N ASN A 82 -0.82 6.65 -8.08
CA ASN A 82 -0.42 7.70 -9.02
C ASN A 82 -0.98 9.08 -8.61
N ALA A 83 -2.09 9.08 -7.90
CA ALA A 83 -2.54 10.31 -7.24
C ALA A 83 -1.38 10.89 -6.42
N GLY A 84 -0.71 10.02 -5.66
CA GLY A 84 0.44 10.42 -4.86
C GLY A 84 1.62 10.95 -5.67
N ALA A 85 1.91 10.27 -6.78
CA ALA A 85 3.01 10.68 -7.65
C ALA A 85 2.83 12.14 -8.07
N VAL A 86 1.64 12.45 -8.59
CA VAL A 86 1.33 13.79 -9.06
C VAL A 86 1.54 14.85 -7.98
N PHE A 87 1.02 14.54 -6.81
CA PHE A 87 1.16 15.40 -5.65
C PHE A 87 2.63 15.62 -5.37
N LEU A 88 3.37 14.52 -5.32
CA LEU A 88 4.79 14.52 -5.01
C LEU A 88 5.60 15.28 -6.06
N VAL A 89 5.26 15.06 -7.33
CA VAL A 89 5.98 15.74 -8.41
C VAL A 89 5.75 17.25 -8.29
N LEU A 90 4.48 17.65 -8.28
CA LEU A 90 4.15 19.08 -8.15
C LEU A 90 4.78 19.71 -6.90
N ASN A 91 4.54 19.11 -5.74
CA ASN A 91 5.06 19.70 -4.50
C ASN A 91 6.60 19.81 -4.52
N THR A 92 7.25 18.78 -5.05
CA THR A 92 8.70 18.81 -5.17
C THR A 92 9.21 19.90 -6.12
N LEU A 93 8.68 19.94 -7.35
CA LEU A 93 9.29 20.81 -8.36
C LEU A 93 8.72 22.22 -8.42
N ALA A 94 7.56 22.44 -7.81
CA ALA A 94 6.84 23.70 -8.05
C ALA A 94 6.10 24.26 -6.83
N GLU A 95 6.58 23.95 -5.64
CA GLU A 95 5.99 24.55 -4.44
C GLU A 95 6.14 26.06 -4.52
N GLY A 96 5.02 26.76 -4.33
CA GLY A 96 4.99 28.21 -4.39
C GLY A 96 5.33 28.79 -5.75
N LYS A 97 5.16 28.00 -6.80
CA LYS A 97 5.47 28.45 -8.14
C LYS A 97 4.43 27.93 -9.14
N GLU A 98 4.60 28.28 -10.42
CA GLU A 98 3.54 28.01 -11.38
C GLU A 98 3.74 26.73 -12.21
N VAL A 99 2.65 25.99 -12.37
CA VAL A 99 2.62 24.84 -13.28
C VAL A 99 1.59 25.08 -14.38
N ILE A 100 2.07 25.13 -15.61
CA ILE A 100 1.19 25.35 -16.76
C ILE A 100 0.56 24.05 -17.20
N ILE A 101 -0.76 24.04 -17.29
CA ILE A 101 -1.49 22.85 -17.69
C ILE A 101 -2.67 23.21 -18.56
N SER A 102 -3.04 22.34 -19.50
CA SER A 102 -4.19 22.64 -20.35
C SER A 102 -5.49 22.57 -19.56
N ARG A 103 -6.25 23.66 -19.64
CA ARG A 103 -7.51 23.81 -18.92
C ARG A 103 -8.34 22.52 -18.87
N GLY A 104 -8.52 21.88 -20.02
CA GLY A 104 -9.32 20.67 -20.11
C GLY A 104 -8.62 19.42 -19.60
N GLU A 105 -7.30 19.41 -19.62
CA GLU A 105 -6.53 18.27 -19.15
C GLU A 105 -6.58 18.19 -17.63
N LEU A 106 -7.13 19.23 -17.04
CA LEU A 106 -7.22 19.34 -15.59
C LEU A 106 -8.58 18.84 -15.12
N VAL A 107 -9.44 18.49 -16.07
CA VAL A 107 -10.84 18.16 -15.81
C VAL A 107 -11.12 16.65 -15.77
N GLU A 108 -11.63 16.18 -14.64
CA GLU A 108 -11.91 14.75 -14.41
C GLU A 108 -10.69 13.87 -14.73
N ILE A 109 -9.57 14.22 -14.10
CA ILE A 109 -8.32 13.49 -14.30
C ILE A 109 -8.43 12.04 -13.85
N GLY A 110 -8.23 11.12 -14.79
CA GLY A 110 -8.26 9.70 -14.52
C GLY A 110 -9.63 9.22 -14.07
N GLY A 111 -10.67 9.95 -14.46
CA GLY A 111 -12.02 9.65 -14.00
C GLY A 111 -12.31 10.11 -12.59
N SER A 112 -11.43 10.95 -12.03
CA SER A 112 -11.56 11.41 -10.64
C SER A 112 -11.63 12.93 -10.47
N PHE A 113 -12.50 13.40 -9.60
CA PHE A 113 -12.59 14.85 -9.34
C PHE A 113 -11.67 15.29 -8.19
N ARG A 114 -10.94 14.34 -7.62
CA ARG A 114 -10.11 14.64 -6.46
C ARG A 114 -8.68 14.93 -6.84
N ILE A 115 -8.24 14.33 -7.93
CA ILE A 115 -6.89 14.56 -8.42
C ILE A 115 -6.64 16.06 -8.64
N PRO A 116 -7.52 16.76 -9.39
CA PRO A 116 -7.22 18.19 -9.57
C PRO A 116 -7.19 19.01 -8.26
N ASP A 117 -8.09 18.70 -7.33
CA ASP A 117 -8.05 19.34 -6.01
C ASP A 117 -6.75 19.04 -5.22
N ILE A 118 -6.25 17.83 -5.39
CA ILE A 118 -4.95 17.45 -4.83
C ILE A 118 -3.84 18.37 -5.34
N MSE A 119 -3.80 18.56 -6.66
CA MSE A 119 -2.79 19.41 -7.28
C MSE A 119 -2.80 20.83 -6.70
O MSE A 119 -1.75 21.41 -6.44
CB MSE A 119 -3.02 19.49 -8.78
CG MSE A 119 -2.91 18.14 -9.50
SE MSE A 119 -3.40 18.20 -11.42
CE MSE A 119 -2.17 19.61 -12.00
N LYS A 120 -3.99 21.39 -6.53
CA LYS A 120 -4.12 22.68 -5.84
C LYS A 120 -3.50 22.60 -4.43
N LYS A 121 -3.73 21.48 -3.73
CA LYS A 121 -3.20 21.31 -2.38
C LYS A 121 -1.72 20.97 -2.36
N SER A 122 -1.09 20.84 -3.53
CA SER A 122 0.32 20.40 -3.55
C SER A 122 1.27 21.52 -3.14
N GLY A 123 0.77 22.77 -3.17
CA GLY A 123 1.59 23.94 -2.90
C GLY A 123 1.95 24.62 -4.21
N ALA A 124 1.50 24.03 -5.31
CA ALA A 124 1.77 24.59 -6.63
C ALA A 124 0.64 25.53 -7.03
N ILE A 125 1.00 26.58 -7.77
CA ILE A 125 0.01 27.49 -8.35
C ILE A 125 -0.30 26.99 -9.76
N LEU A 126 -1.53 26.53 -9.97
CA LEU A 126 -1.89 25.98 -11.27
C LEU A 126 -2.21 27.12 -12.22
N ARG A 127 -1.40 27.25 -13.28
CA ARG A 127 -1.68 28.23 -14.32
C ARG A 127 -2.38 27.53 -15.48
N GLU A 128 -3.71 27.58 -15.49
CA GLU A 128 -4.51 26.85 -16.48
C GLU A 128 -4.52 27.60 -17.78
N VAL A 129 -4.42 26.86 -18.89
CA VAL A 129 -4.21 27.51 -20.17
C VAL A 129 -5.16 27.04 -21.27
N GLY A 130 -5.49 27.97 -22.18
CA GLY A 130 -6.44 27.69 -23.23
C GLY A 130 -7.84 27.61 -22.66
N TYR A 131 -8.69 26.83 -23.32
CA TYR A 131 -10.05 26.62 -22.86
C TYR A 131 -10.40 25.12 -22.84
N TYR A 132 -11.53 24.76 -22.24
CA TYR A 132 -11.91 23.36 -22.01
C TYR A 132 -11.61 22.37 -23.12
N ASN A 133 -11.96 22.70 -24.37
CA ASN A 133 -11.80 21.75 -25.47
C ASN A 133 -10.79 22.20 -26.53
N LYS A 134 -10.13 23.33 -26.28
CA LYS A 134 -9.11 23.86 -27.19
C LYS A 134 -7.88 24.43 -26.48
N THR A 135 -6.73 23.80 -26.68
CA THR A 135 -5.49 24.39 -26.22
C THR A 135 -4.53 24.62 -27.38
N LYS A 136 -4.11 25.87 -27.53
CA LYS A 136 -3.25 26.27 -28.64
C LYS A 136 -1.83 26.44 -28.12
N VAL A 137 -0.89 25.77 -28.78
CA VAL A 137 0.54 25.84 -28.42
C VAL A 137 0.97 27.27 -28.09
N SER A 138 0.42 28.23 -28.83
CA SER A 138 0.74 29.64 -28.63
C SER A 138 0.31 30.19 -27.25
N ARG A 139 -0.87 29.79 -26.77
CA ARG A 139 -1.36 30.22 -25.45
C ARG A 139 -0.54 29.59 -24.34
N TYR A 140 -0.33 28.29 -24.45
CA TYR A 140 0.52 27.55 -23.54
C TYR A 140 1.85 28.29 -23.44
N GLU A 141 2.52 28.45 -24.57
CA GLU A 141 3.84 29.07 -24.64
C GLU A 141 3.89 30.42 -23.92
N GLY A 142 2.82 31.21 -24.08
CA GLY A 142 2.81 32.57 -23.55
C GLY A 142 2.43 32.69 -22.09
N ALA A 143 2.10 31.56 -21.46
CA ALA A 143 1.85 31.54 -20.02
C ALA A 143 3.17 31.49 -19.28
N ILE A 144 4.24 31.20 -20.02
CA ILE A 144 5.57 31.03 -19.43
C ILE A 144 6.19 32.35 -18.97
N ASN A 145 6.71 32.33 -17.75
CA ASN A 145 7.37 33.47 -17.15
C ASN A 145 8.50 32.97 -16.23
N GLN A 146 9.13 33.88 -15.51
CA GLN A 146 10.25 33.49 -14.66
C GLN A 146 9.80 32.61 -13.50
N ASN A 147 8.57 32.83 -13.05
CA ASN A 147 8.00 32.07 -11.95
C ASN A 147 7.40 30.70 -12.35
N THR A 148 7.38 30.40 -13.65
CA THR A 148 6.90 29.11 -14.14
C THR A 148 7.93 28.00 -13.87
N ALA A 149 7.50 26.94 -13.20
CA ALA A 149 8.38 25.85 -12.75
C ALA A 149 8.25 24.53 -13.50
N LEU A 150 7.06 24.24 -14.00
CA LEU A 150 6.79 22.91 -14.53
C LEU A 150 5.87 22.98 -15.74
N LEU A 151 6.23 22.29 -16.83
CA LEU A 151 5.31 22.15 -17.96
C LEU A 151 4.63 20.79 -17.85
N MSE A 152 3.30 20.79 -17.71
CA MSE A 152 2.57 19.53 -17.49
C MSE A 152 1.58 19.21 -18.61
O MSE A 152 1.13 20.10 -19.34
CB MSE A 152 1.87 19.56 -16.13
CG MSE A 152 1.23 18.25 -15.71
SE MSE A 152 0.58 18.35 -13.86
CE MSE A 152 -0.08 16.51 -13.70
N LYS A 153 1.30 17.93 -18.76
CA LYS A 153 0.24 17.40 -19.62
C LYS A 153 -0.29 16.16 -18.93
N VAL A 154 -1.58 15.88 -19.13
CA VAL A 154 -2.27 14.83 -18.40
C VAL A 154 -3.04 14.03 -19.42
N HIS A 155 -3.11 12.73 -19.21
CA HIS A 155 -3.88 11.84 -20.08
C HIS A 155 -5.34 12.30 -20.20
N LYS A 156 -5.91 12.20 -21.40
CA LYS A 156 -7.27 12.66 -21.70
C LYS A 156 -8.31 11.91 -20.88
N SER A 157 -9.42 12.58 -20.56
CA SER A 157 -10.49 11.96 -19.78
C SER A 157 -11.84 12.69 -19.92
N VAL A 165 -11.18 20.43 -32.34
CA VAL A 165 -10.29 19.94 -31.31
C VAL A 165 -8.83 20.29 -31.62
N GLU A 166 -8.19 21.00 -30.70
CA GLU A 166 -6.81 21.43 -30.84
C GLU A 166 -6.12 21.36 -29.49
N GLU A 167 -4.97 20.70 -29.42
CA GLU A 167 -4.29 20.42 -28.15
C GLU A 167 -2.77 20.60 -28.25
N VAL A 168 -2.14 20.88 -27.13
CA VAL A 168 -0.69 20.85 -27.10
C VAL A 168 -0.28 19.39 -27.07
N LYS A 169 0.45 18.93 -28.07
CA LYS A 169 0.87 17.54 -28.14
C LYS A 169 2.16 17.30 -27.35
N LEU A 170 2.44 16.04 -27.02
CA LEU A 170 3.64 15.68 -26.28
C LEU A 170 4.90 16.30 -26.89
N GLU A 171 5.07 16.15 -28.20
CA GLU A 171 6.21 16.69 -28.94
C GLU A 171 6.35 18.22 -28.79
N ASP A 172 5.21 18.90 -28.71
CA ASP A 172 5.21 20.34 -28.46
C ASP A 172 5.68 20.63 -27.03
N LEU A 173 5.14 19.86 -26.08
CA LEU A 173 5.55 19.96 -24.67
C LEU A 173 7.07 19.87 -24.54
N VAL A 174 7.65 18.86 -25.19
CA VAL A 174 9.09 18.68 -25.19
C VAL A 174 9.82 19.91 -25.73
N LYS A 175 9.40 20.39 -26.89
CA LYS A 175 10.02 21.58 -27.49
C LYS A 175 9.98 22.80 -26.57
N LEU A 176 8.81 23.15 -26.02
CA LEU A 176 8.74 24.26 -25.06
C LEU A 176 9.72 24.05 -23.92
N GLY A 177 9.71 22.84 -23.36
CA GLY A 177 10.55 22.50 -22.23
C GLY A 177 12.00 22.81 -22.53
N HIS A 178 12.45 22.36 -23.71
CA HIS A 178 13.80 22.62 -24.19
C HIS A 178 14.01 24.11 -24.46
N LYS A 179 13.06 24.74 -25.14
CA LYS A 179 13.15 26.16 -25.47
C LYS A 179 13.36 27.02 -24.22
N TYR A 180 12.51 26.84 -23.22
CA TYR A 180 12.55 27.72 -22.06
C TYR A 180 13.36 27.13 -20.89
N GLY A 181 13.69 25.84 -20.96
CA GLY A 181 14.50 25.23 -19.93
C GLY A 181 13.65 24.90 -18.70
N ILE A 182 12.45 24.38 -18.97
CA ILE A 182 11.52 24.03 -17.91
C ILE A 182 11.14 22.55 -18.02
N PRO A 183 11.35 21.79 -16.93
CA PRO A 183 11.06 20.35 -16.92
C PRO A 183 9.64 20.03 -17.37
N THR A 184 9.50 18.91 -18.08
CA THR A 184 8.22 18.46 -18.56
C THR A 184 7.78 17.23 -17.83
N TYR A 185 6.50 17.21 -17.48
CA TYR A 185 5.93 16.07 -16.76
C TYR A 185 4.66 15.59 -17.45
N TYR A 186 4.57 14.30 -17.70
CA TYR A 186 3.37 13.74 -18.33
C TYR A 186 2.74 12.68 -17.44
N ASP A 187 1.57 13.00 -16.93
CA ASP A 187 0.84 12.04 -16.16
C ASP A 187 0.04 11.19 -17.13
N ALA A 188 0.67 10.12 -17.63
CA ALA A 188 0.03 9.22 -18.59
C ALA A 188 -1.12 8.45 -17.96
N GLY A 189 -1.00 8.16 -16.66
CA GLY A 189 -2.09 7.53 -15.94
C GLY A 189 -2.23 6.03 -16.14
N SER A 190 -2.26 5.58 -17.40
CA SER A 190 -2.65 4.21 -17.74
C SER A 190 -1.69 3.16 -17.20
N GLY A 191 -0.42 3.53 -17.11
CA GLY A 191 0.63 2.61 -16.68
C GLY A 191 1.10 1.63 -17.76
N LEU A 192 0.68 1.85 -19.01
CA LEU A 192 1.06 0.99 -20.13
C LEU A 192 2.58 0.84 -20.31
N LEU A 193 3.06 -0.41 -20.30
CA LEU A 193 4.49 -0.68 -20.47
C LEU A 193 4.86 -1.08 -21.90
N ILE A 194 3.96 -1.80 -22.56
CA ILE A 194 4.22 -2.31 -23.89
C ILE A 194 3.25 -1.73 -24.89
N ASN A 195 3.66 -1.64 -26.15
CA ASN A 195 2.75 -1.22 -27.21
C ASN A 195 1.65 -2.26 -27.34
N LEU A 196 0.41 -1.80 -27.44
CA LEU A 196 -0.72 -2.71 -27.57
C LEU A 196 -0.87 -3.29 -29.00
N LYS A 197 -0.19 -2.70 -29.96
CA LYS A 197 -0.26 -3.16 -31.35
C LYS A 197 0.32 -4.56 -31.50
N GLU A 198 1.27 -4.88 -30.62
CA GLU A 198 1.90 -6.19 -30.60
C GLU A 198 0.90 -7.29 -30.18
N PHE A 199 -0.27 -6.87 -29.69
CA PHE A 199 -1.27 -7.81 -29.19
C PHE A 199 -2.57 -7.79 -29.98
N GLY A 200 -2.54 -7.17 -31.15
CA GLY A 200 -3.71 -7.15 -32.02
C GLY A 200 -4.65 -6.01 -31.67
N ILE A 201 -4.21 -5.15 -30.76
CA ILE A 201 -5.07 -4.06 -30.29
C ILE A 201 -4.62 -2.71 -30.86
N SER A 202 -5.57 -2.04 -31.51
CA SER A 202 -5.31 -0.78 -32.19
C SER A 202 -5.67 0.41 -31.31
N VAL A 203 -4.69 0.96 -30.61
CA VAL A 203 -4.99 2.10 -29.76
C VAL A 203 -3.94 3.19 -29.78
N ASP A 204 -4.41 4.44 -29.84
CA ASP A 204 -3.54 5.58 -29.63
C ASP A 204 -3.36 5.75 -28.13
N GLU A 205 -2.71 4.78 -27.49
CA GLU A 205 -2.45 4.84 -26.07
C GLU A 205 -0.94 4.80 -25.80
N PRO A 206 -0.37 5.92 -25.34
CA PRO A 206 1.09 6.01 -25.22
C PRO A 206 1.65 5.19 -24.06
N ASN A 207 2.74 4.47 -24.31
CA ASN A 207 3.40 3.74 -23.24
C ASN A 207 4.61 4.50 -22.70
N PHE A 208 5.19 3.97 -21.61
CA PHE A 208 6.28 4.66 -20.96
C PHE A 208 7.48 4.86 -21.87
N ARG A 209 7.97 3.77 -22.46
CA ARG A 209 9.17 3.83 -23.29
C ARG A 209 9.04 4.92 -24.36
N ASP A 210 7.96 4.85 -25.13
CA ASP A 210 7.64 5.88 -26.11
C ASP A 210 7.64 7.32 -25.56
N CYS A 211 7.05 7.55 -24.39
CA CYS A 211 7.00 8.91 -23.85
C CYS A 211 8.38 9.43 -23.51
N ILE A 212 9.23 8.54 -23.02
CA ILE A 212 10.55 8.93 -22.60
C ILE A 212 11.43 9.20 -23.82
N SER A 213 11.31 8.34 -24.83
CA SER A 213 12.15 8.50 -26.02
C SER A 213 11.89 9.83 -26.72
N LEU A 214 10.65 10.32 -26.66
CA LEU A 214 10.30 11.67 -27.10
C LEU A 214 11.03 12.78 -26.34
N GLY A 215 11.47 12.47 -25.12
CA GLY A 215 12.15 13.46 -24.31
C GLY A 215 11.34 14.11 -23.19
N ILE A 216 10.20 13.51 -22.85
CA ILE A 216 9.48 13.96 -21.65
C ILE A 216 10.36 13.69 -20.43
N ASP A 217 10.55 14.71 -19.59
CA ASP A 217 11.46 14.61 -18.44
C ASP A 217 10.98 13.61 -17.39
N LEU A 218 9.67 13.61 -17.15
CA LEU A 218 9.06 12.79 -16.13
C LEU A 218 7.74 12.20 -16.63
N VAL A 219 7.56 10.90 -16.43
CA VAL A 219 6.31 10.23 -16.79
C VAL A 219 5.81 9.41 -15.62
N SER A 220 4.52 9.49 -15.33
CA SER A 220 3.97 8.67 -14.24
C SER A 220 2.67 8.00 -14.58
N GLY A 221 2.41 6.87 -13.93
CA GLY A 221 1.14 6.17 -14.06
C GLY A 221 0.88 5.17 -12.93
N SER A 222 -0.36 4.70 -12.86
CA SER A 222 -0.76 3.68 -11.89
C SER A 222 -0.13 2.33 -12.19
N GLY A 223 -0.07 1.47 -11.18
CA GLY A 223 0.48 0.15 -11.38
C GLY A 223 -0.60 -0.89 -11.61
N ASP A 224 -1.85 -0.53 -11.36
CA ASP A 224 -2.91 -1.54 -11.41
C ASP A 224 -3.94 -1.29 -12.51
N1 LLP A 225 -4.07 10.46 -13.23
C2 LLP A 225 -4.37 9.72 -14.33
C2' LLP A 225 -4.16 10.34 -15.75
C3 LLP A 225 -4.84 8.41 -14.21
O3 LLP A 225 -5.12 7.68 -15.36
C4 LLP A 225 -5.00 7.86 -12.91
C4' LLP A 225 -5.52 6.44 -12.65
C5 LLP A 225 -4.69 8.68 -11.81
C6 LLP A 225 -4.21 9.98 -11.99
C5' LLP A 225 -4.87 8.11 -10.39
OP4 LLP A 225 -3.81 7.33 -9.96
P LLP A 225 -4.02 6.22 -8.84
OP1 LLP A 225 -3.87 6.92 -7.47
OP2 LLP A 225 -2.95 5.11 -9.05
OP3 LLP A 225 -5.44 5.65 -9.00
N LLP A 225 -3.58 -0.53 -13.53
CA LLP A 225 -4.45 -0.44 -14.71
CB LLP A 225 -4.74 1.00 -15.15
CG LLP A 225 -5.37 1.87 -14.06
CD LLP A 225 -5.47 3.40 -14.42
CE LLP A 225 -6.29 4.29 -13.49
NZ LLP A 225 -5.84 5.62 -13.69
C LLP A 225 -3.86 -1.28 -15.76
O LLP A 225 -3.79 -2.53 -15.60
N LEU A 226 -3.41 -0.66 -16.84
CA LEU A 226 -2.88 -1.43 -17.96
C LEU A 226 -1.66 -2.24 -17.64
N LEU A 227 -0.85 -1.78 -16.69
CA LEU A 227 0.34 -2.54 -16.29
C LEU A 227 -0.08 -3.87 -15.70
N GLY A 228 -1.20 -3.89 -14.99
CA GLY A 228 -1.74 -5.14 -14.47
C GLY A 228 -1.07 -5.66 -13.19
N GLY A 229 -0.43 -4.77 -12.44
CA GLY A 229 0.15 -5.13 -11.14
C GLY A 229 -0.67 -4.57 -9.97
N PRO A 230 -0.16 -4.63 -8.73
CA PRO A 230 -0.96 -4.02 -7.67
C PRO A 230 -0.89 -2.50 -7.70
N GLN A 231 -1.70 -1.85 -6.87
CA GLN A 231 -1.68 -0.38 -6.74
C GLN A 231 -0.27 0.17 -6.54
N ALA A 232 0.02 1.27 -7.24
CA ALA A 232 1.34 1.90 -7.19
C ALA A 232 1.34 3.14 -8.03
N GLY A 233 2.13 4.12 -7.61
CA GLY A 233 2.38 5.27 -8.46
C GLY A 233 3.80 5.20 -9.01
N ILE A 234 3.90 4.90 -10.29
CA ILE A 234 5.20 4.67 -10.92
C ILE A 234 5.72 5.94 -11.60
N ILE A 235 6.96 6.32 -11.28
CA ILE A 235 7.50 7.56 -11.83
C ILE A 235 8.86 7.33 -12.48
N VAL A 236 9.03 7.79 -13.72
CA VAL A 236 10.32 7.60 -14.38
C VAL A 236 10.79 8.82 -15.16
N GLY A 237 12.11 8.92 -15.30
CA GLY A 237 12.70 9.99 -16.10
C GLY A 237 14.10 10.39 -15.68
N LYS A 238 14.39 11.68 -15.80
CA LYS A 238 15.70 12.23 -15.49
C LYS A 238 16.06 12.02 -14.03
N LYS A 239 17.26 11.48 -13.82
CA LYS A 239 17.81 11.22 -12.49
C LYS A 239 17.75 12.44 -11.57
N ASN A 240 18.10 13.60 -12.13
CA ASN A 240 18.18 14.86 -11.39
C ASN A 240 16.86 15.16 -10.68
N LEU A 241 15.78 14.81 -11.36
CA LEU A 241 14.44 15.12 -10.90
C LEU A 241 13.96 14.01 -9.99
N ILE A 242 14.31 12.78 -10.32
CA ILE A 242 13.92 11.67 -9.49
C ILE A 242 14.55 11.84 -8.10
N GLU A 243 15.86 12.11 -8.10
CA GLU A 243 16.58 12.29 -6.84
C GLU A 243 15.94 13.38 -5.98
N LYS A 244 15.45 14.46 -6.60
CA LYS A 244 14.77 15.52 -5.83
C LYS A 244 13.48 14.96 -5.23
N ILE A 245 12.70 14.30 -6.07
CA ILE A 245 11.49 13.62 -5.63
C ILE A 245 11.74 12.64 -4.45
N LYS A 246 12.82 11.86 -4.52
CA LYS A 246 13.15 10.92 -3.44
C LYS A 246 13.58 11.60 -2.14
N LYS A 247 14.08 12.84 -2.24
CA LYS A 247 14.53 13.57 -1.05
C LYS A 247 13.40 14.34 -0.39
N ASN A 248 12.28 14.46 -1.08
CA ASN A 248 11.14 15.14 -0.51
C ASN A 248 10.59 14.28 0.61
N PRO A 249 10.66 14.78 1.84
CA PRO A 249 10.23 14.00 3.01
C PRO A 249 8.81 13.49 2.84
N ILE A 250 7.99 14.20 2.06
CA ILE A 250 6.65 13.72 1.76
C ILE A 250 6.67 12.31 1.14
N ALA A 251 7.75 12.00 0.44
CA ALA A 251 7.92 10.66 -0.14
C ALA A 251 7.71 9.59 0.91
N ARG A 252 8.26 9.82 2.10
CA ARG A 252 8.15 8.87 3.23
C ARG A 252 6.71 8.59 3.66
N ALA A 253 5.82 9.57 3.47
CA ALA A 253 4.41 9.37 3.79
C ALA A 253 3.71 8.58 2.69
N LEU A 254 4.26 8.68 1.48
CA LEU A 254 3.70 8.00 0.33
C LEU A 254 4.38 6.66 0.10
N ARG A 255 5.22 6.24 1.02
CA ARG A 255 6.03 5.04 0.79
C ARG A 255 5.22 3.77 0.56
N ILE A 256 5.63 2.97 -0.42
CA ILE A 256 4.90 1.75 -0.75
C ILE A 256 5.21 0.67 0.24
N ASP A 257 4.23 -0.17 0.49
CA ASP A 257 4.40 -1.28 1.41
C ASP A 257 5.00 -2.50 0.73
N LYS A 258 5.32 -3.49 1.56
CA LYS A 258 5.92 -4.76 1.19
C LYS A 258 5.08 -5.62 0.22
N LEU A 259 3.76 -5.66 0.42
CA LEU A 259 2.90 -6.51 -0.43
C LEU A 259 2.86 -5.97 -1.85
N THR A 260 2.65 -4.68 -1.99
CA THR A 260 2.60 -4.08 -3.32
C THR A 260 4.00 -4.06 -3.98
N LEU A 261 5.05 -3.81 -3.21
CA LEU A 261 6.38 -3.81 -3.77
C LEU A 261 6.80 -5.19 -4.29
N SER A 262 6.51 -6.22 -3.50
CA SER A 262 6.80 -7.60 -3.84
C SER A 262 6.01 -7.97 -5.07
N GLY A 263 4.73 -7.59 -5.07
CA GLY A 263 3.86 -7.91 -6.18
C GLY A 263 4.33 -7.19 -7.44
N LEU A 264 4.84 -5.99 -7.25
CA LEU A 264 5.34 -5.19 -8.36
C LEU A 264 6.63 -5.80 -8.91
N GLU A 265 7.52 -6.24 -8.02
CA GLU A 265 8.75 -6.88 -8.51
C GLU A 265 8.39 -8.09 -9.38
N MSE A 266 7.53 -8.96 -8.87
CA MSE A 266 7.19 -10.15 -9.63
C MSE A 266 6.48 -9.80 -10.95
O MSE A 266 6.75 -10.39 -12.00
CB MSE A 266 6.38 -11.15 -8.79
CG MSE A 266 6.07 -12.43 -9.55
SE MSE A 266 7.67 -13.44 -10.15
CE MSE A 266 8.35 -13.97 -8.40
N THR A 267 5.59 -8.81 -10.90
CA THR A 267 4.91 -8.33 -12.10
C THR A 267 5.93 -7.85 -13.14
N LEU A 268 6.91 -7.07 -12.69
CA LEU A 268 7.90 -6.51 -13.60
C LEU A 268 8.79 -7.62 -14.16
N LYS A 269 8.90 -8.70 -13.40
CA LYS A 269 9.75 -9.81 -13.79
C LYS A 269 9.03 -10.57 -14.90
N LEU A 270 7.71 -10.64 -14.81
CA LEU A 270 6.91 -11.31 -15.82
C LEU A 270 7.07 -10.62 -17.18
N TYR A 271 7.08 -9.28 -17.17
CA TYR A 271 7.30 -8.50 -18.36
C TYR A 271 8.69 -8.75 -18.97
N PHE A 272 9.70 -8.81 -18.11
CA PHE A 272 11.07 -9.13 -18.51
C PHE A 272 11.14 -10.46 -19.25
N GLU A 273 10.39 -11.44 -18.79
CA GLU A 273 10.37 -12.75 -19.43
C GLU A 273 9.29 -12.82 -20.51
N LYS A 274 8.63 -11.70 -20.76
CA LYS A 274 7.56 -11.61 -21.76
C LYS A 274 6.48 -12.67 -21.57
N ARG A 275 6.25 -13.05 -20.31
CA ARG A 275 5.17 -13.95 -19.95
C ARG A 275 3.88 -13.13 -19.81
N TYR A 276 3.48 -12.47 -20.88
CA TYR A 276 2.29 -11.62 -20.84
C TYR A 276 1.01 -12.36 -20.51
N GLU A 277 1.02 -13.68 -20.68
CA GLU A 277 -0.15 -14.49 -20.34
C GLU A 277 -0.42 -14.56 -18.83
N ASP A 278 0.58 -14.22 -18.03
CA ASP A 278 0.44 -14.27 -16.57
C ASP A 278 0.00 -12.94 -15.97
N ILE A 279 -0.32 -11.99 -16.83
CA ILE A 279 -0.82 -10.69 -16.38
C ILE A 279 -2.29 -10.60 -16.70
N PRO A 280 -3.16 -10.90 -15.71
CA PRO A 280 -4.60 -11.02 -15.96
C PRO A 280 -5.19 -9.90 -16.82
N VAL A 281 -4.81 -8.66 -16.59
CA VAL A 281 -5.32 -7.58 -17.44
C VAL A 281 -5.01 -7.83 -18.92
N ILE A 282 -3.72 -8.06 -19.25
CA ILE A 282 -3.31 -8.34 -20.64
C ILE A 282 -4.05 -9.56 -21.21
N ARG A 283 -4.04 -10.65 -20.44
CA ARG A 283 -4.70 -11.89 -20.84
C ARG A 283 -6.13 -11.64 -21.27
N MSE A 284 -6.84 -10.82 -20.50
CA MSE A 284 -8.27 -10.63 -20.73
C MSE A 284 -8.53 -9.77 -21.93
O MSE A 284 -9.50 -9.98 -22.65
CB MSE A 284 -8.93 -10.03 -19.48
CG MSE A 284 -9.35 -11.05 -18.45
SE MSE A 284 -10.25 -10.18 -16.92
CE MSE A 284 -8.65 -9.70 -15.89
N LEU A 285 -7.67 -8.78 -22.15
CA LEU A 285 -7.86 -7.87 -23.26
C LEU A 285 -7.45 -8.51 -24.58
N THR A 286 -6.73 -9.64 -24.51
CA THR A 286 -6.27 -10.32 -25.73
C THR A 286 -7.05 -11.59 -26.00
N GLN A 287 -8.09 -11.81 -25.22
CA GLN A 287 -9.00 -12.91 -25.51
C GLN A 287 -9.60 -12.71 -26.90
N ASP A 288 -9.57 -13.77 -27.68
CA ASP A 288 -10.13 -13.80 -29.02
C ASP A 288 -11.64 -13.62 -29.00
N GLU A 289 -12.14 -12.85 -29.96
CA GLU A 289 -13.57 -12.70 -30.23
C GLU A 289 -14.26 -14.07 -30.25
N LYS A 290 -13.61 -15.02 -30.93
CA LYS A 290 -14.11 -16.39 -30.98
C LYS A 290 -14.15 -17.05 -29.60
N ALA A 291 -13.09 -16.87 -28.83
CA ALA A 291 -13.02 -17.40 -27.47
C ALA A 291 -14.15 -16.85 -26.57
N LEU A 292 -14.51 -15.58 -26.77
CA LEU A 292 -15.56 -14.95 -25.98
C LEU A 292 -16.97 -15.46 -26.32
N ARG A 293 -17.21 -15.74 -27.60
CA ARG A 293 -18.51 -16.26 -28.02
C ARG A 293 -18.73 -17.66 -27.46
N GLN A 294 -17.66 -18.44 -27.42
CA GLN A 294 -17.67 -19.78 -26.84
C GLN A 294 -18.21 -19.74 -25.40
N LYS A 295 -17.71 -18.81 -24.59
CA LYS A 295 -18.15 -18.70 -23.20
C LYS A 295 -19.61 -18.30 -23.14
N ALA A 296 -20.00 -17.35 -24.00
CA ALA A 296 -21.38 -16.90 -24.04
C ALA A 296 -22.30 -18.08 -24.36
N LYS A 297 -22.04 -18.75 -25.47
CA LYS A 297 -22.88 -19.89 -25.88
C LYS A 297 -22.92 -21.02 -24.83
N ARG A 298 -21.81 -21.22 -24.11
CA ARG A 298 -21.77 -22.26 -23.09
C ARG A 298 -22.69 -21.88 -21.95
N LEU A 299 -22.73 -20.59 -21.64
CA LEU A 299 -23.60 -20.09 -20.58
C LEU A 299 -25.06 -20.04 -21.04
N GLU A 300 -25.30 -19.52 -22.25
CA GLU A 300 -26.63 -19.54 -22.85
C GLU A 300 -27.23 -20.94 -22.79
N LYS A 301 -26.39 -21.93 -23.06
CA LYS A 301 -26.81 -23.33 -22.97
C LYS A 301 -27.01 -23.76 -21.51
N LEU A 302 -26.18 -23.24 -20.60
CA LEU A 302 -26.25 -23.60 -19.18
C LEU A 302 -27.52 -23.06 -18.51
N LEU A 303 -28.18 -22.10 -19.15
CA LEU A 303 -29.32 -21.44 -18.55
C LEU A 303 -30.64 -21.74 -19.29
N LYS A 304 -30.60 -22.56 -20.34
CA LYS A 304 -31.79 -22.84 -21.16
C LYS A 304 -33.00 -23.37 -20.38
N ASP A 305 -32.73 -24.13 -19.31
CA ASP A 305 -33.78 -24.76 -18.51
C ASP A 305 -34.27 -23.89 -17.35
N ILE A 306 -34.33 -22.58 -17.53
CA ILE A 306 -34.78 -21.72 -16.45
C ILE A 306 -36.12 -21.07 -16.76
N PRO A 307 -37.15 -21.46 -15.97
CA PRO A 307 -38.51 -20.94 -15.99
C PRO A 307 -38.55 -19.41 -16.08
N GLY A 308 -39.15 -18.91 -17.16
CA GLY A 308 -39.36 -17.49 -17.34
C GLY A 308 -38.12 -16.72 -17.78
N LEU A 309 -37.04 -17.44 -18.08
CA LEU A 309 -35.82 -16.78 -18.52
C LEU A 309 -35.67 -16.77 -20.04
N LYS A 310 -35.80 -15.58 -20.62
CA LYS A 310 -35.53 -15.36 -22.03
C LYS A 310 -34.03 -15.08 -22.20
N ILE A 311 -33.35 -15.95 -22.92
CA ILE A 311 -31.88 -15.88 -23.04
C ILE A 311 -31.41 -15.53 -24.44
N SER A 312 -30.62 -14.47 -24.55
CA SER A 312 -30.03 -14.09 -25.82
C SER A 312 -28.51 -14.11 -25.74
N VAL A 313 -27.85 -14.08 -26.89
CA VAL A 313 -26.43 -13.81 -26.97
C VAL A 313 -26.24 -12.70 -27.98
N ILE A 314 -25.77 -11.53 -27.54
CA ILE A 314 -25.50 -10.43 -28.45
C ILE A 314 -24.00 -10.21 -28.67
N LYS A 315 -23.68 -9.27 -29.54
CA LYS A 315 -22.30 -9.00 -29.93
C LYS A 315 -22.06 -7.50 -29.86
N ASP A 316 -21.41 -7.08 -28.79
CA ASP A 316 -21.39 -5.68 -28.39
C ASP A 316 -20.06 -5.01 -28.63
N LYS A 317 -20.09 -3.70 -28.88
CA LYS A 317 -18.88 -2.90 -28.88
C LYS A 317 -18.72 -2.26 -27.51
N ALA A 318 -17.86 -2.85 -26.68
CA ALA A 318 -17.71 -2.43 -25.28
C ALA A 318 -16.44 -1.62 -25.01
N LYS A 319 -16.39 -0.99 -23.84
CA LYS A 319 -15.23 -0.21 -23.43
C LYS A 319 -14.64 -0.83 -22.19
N PRO A 320 -13.67 -1.73 -22.35
CA PRO A 320 -13.14 -2.51 -21.22
C PRO A 320 -12.14 -1.78 -20.33
N GLY A 321 -11.74 -0.58 -20.71
CA GLY A 321 -10.70 0.13 -19.97
C GLY A 321 -11.19 0.91 -18.75
N GLY A 322 -12.50 1.09 -18.64
CA GLY A 322 -13.04 1.84 -17.53
C GLY A 322 -12.88 3.35 -17.72
N GLY A 323 -13.43 4.11 -16.79
CA GLY A 323 -13.46 5.57 -16.88
C GLY A 323 -12.12 6.26 -16.94
N SER A 324 -11.05 5.54 -16.63
CA SER A 324 -9.72 6.11 -16.79
C SER A 324 -9.21 5.89 -18.22
N LEU A 325 -9.78 4.92 -18.93
CA LEU A 325 -9.33 4.58 -20.28
C LEU A 325 -10.44 4.42 -21.31
N PRO A 326 -11.24 5.48 -21.53
CA PRO A 326 -12.43 5.34 -22.40
C PRO A 326 -12.08 5.16 -23.88
N GLU A 327 -10.87 5.52 -24.28
CA GLU A 327 -10.45 5.44 -25.69
C GLU A 327 -10.23 4.00 -26.15
N LEU A 328 -10.43 3.06 -25.23
CA LEU A 328 -10.28 1.65 -25.56
C LEU A 328 -11.63 1.03 -25.86
N GLU A 329 -11.79 0.59 -27.10
CA GLU A 329 -13.00 -0.09 -27.51
C GLU A 329 -12.61 -1.48 -28.00
N LEU A 330 -13.35 -2.49 -27.57
CA LEU A 330 -13.10 -3.86 -28.02
C LEU A 330 -14.40 -4.63 -28.21
N PRO A 331 -14.48 -5.41 -29.28
CA PRO A 331 -15.66 -6.26 -29.49
C PRO A 331 -15.76 -7.25 -28.34
N THR A 332 -16.97 -7.67 -27.99
CA THR A 332 -17.13 -8.73 -27.01
C THR A 332 -18.44 -9.47 -27.23
N TYR A 333 -18.67 -10.51 -26.45
CA TYR A 333 -19.94 -11.22 -26.45
C TYR A 333 -20.57 -11.20 -25.06
N CYS A 334 -21.85 -10.82 -25.01
CA CYS A 334 -22.60 -10.83 -23.76
C CYS A 334 -23.71 -11.86 -23.84
N VAL A 335 -24.17 -12.29 -22.68
CA VAL A 335 -25.42 -13.04 -22.61
C VAL A 335 -26.48 -12.13 -22.01
N ALA A 336 -27.57 -11.91 -22.75
CA ALA A 336 -28.65 -11.05 -22.28
C ALA A 336 -29.76 -11.90 -21.69
N ILE A 337 -30.17 -11.60 -20.47
CA ILE A 337 -31.30 -12.31 -19.89
C ILE A 337 -32.42 -11.37 -19.46
N ARG A 338 -33.64 -11.89 -19.49
CA ARG A 338 -34.80 -11.14 -19.05
C ARG A 338 -35.81 -12.12 -18.48
N HIS A 339 -36.13 -11.96 -17.21
CA HIS A 339 -37.19 -12.74 -16.60
C HIS A 339 -38.52 -12.09 -16.95
N ASP A 340 -39.61 -12.84 -16.79
CA ASP A 340 -40.93 -12.27 -17.04
C ASP A 340 -41.53 -11.75 -15.74
N ARG A 341 -41.36 -12.51 -14.67
CA ARG A 341 -41.80 -12.09 -13.35
C ARG A 341 -40.89 -10.98 -12.84
N LEU A 342 -39.68 -11.36 -12.44
CA LEU A 342 -38.74 -10.41 -11.84
C LEU A 342 -38.17 -9.42 -12.84
N SER A 343 -38.11 -8.15 -12.43
CA SER A 343 -37.50 -7.11 -13.25
C SER A 343 -35.98 -7.14 -13.11
N SER A 344 -35.30 -6.51 -14.06
CA SER A 344 -33.84 -6.52 -14.10
C SER A 344 -33.21 -5.88 -12.86
N GLN A 345 -33.75 -4.75 -12.42
CA GLN A 345 -33.24 -4.10 -11.21
C GLN A 345 -33.25 -5.05 -10.04
N GLU A 346 -34.42 -5.61 -9.75
CA GLU A 346 -34.59 -6.52 -8.63
C GLU A 346 -33.74 -7.77 -8.78
N LEU A 347 -33.67 -8.30 -9.99
CA LEU A 347 -32.82 -9.46 -10.26
C LEU A 347 -31.36 -9.11 -9.99
N SER A 348 -30.92 -7.99 -10.57
CA SER A 348 -29.60 -7.43 -10.30
C SER A 348 -29.32 -7.36 -8.81
N ARG A 349 -30.24 -6.79 -8.04
CA ARG A 349 -30.02 -6.65 -6.61
C ARG A 349 -29.77 -8.00 -5.96
N ARG A 350 -30.57 -9.00 -6.34
CA ARG A 350 -30.42 -10.34 -5.78
C ARG A 350 -29.10 -11.02 -6.13
N LEU A 351 -28.60 -10.77 -7.34
CA LEU A 351 -27.31 -11.31 -7.76
C LEU A 351 -26.19 -10.76 -6.89
N ARG A 352 -26.27 -9.48 -6.56
CA ARG A 352 -25.27 -8.84 -5.72
C ARG A 352 -25.22 -9.38 -4.28
N LEU A 353 -26.29 -10.04 -3.84
CA LEU A 353 -26.34 -10.55 -2.47
C LEU A 353 -26.04 -12.05 -2.38
N ALA A 354 -25.90 -12.69 -3.55
CA ALA A 354 -25.55 -14.11 -3.62
C ALA A 354 -24.15 -14.41 -3.07
N GLU A 355 -23.85 -15.69 -2.92
CA GLU A 355 -22.53 -16.14 -2.47
C GLU A 355 -22.02 -17.16 -3.45
N PRO A 356 -21.06 -16.77 -4.29
CA PRO A 356 -20.45 -15.43 -4.35
C PRO A 356 -21.30 -14.44 -5.14
N PRO A 357 -21.14 -13.13 -4.86
CA PRO A 357 -21.91 -12.07 -5.53
C PRO A 357 -21.60 -12.02 -7.02
N ILE A 358 -22.59 -11.60 -7.81
CA ILE A 358 -22.42 -11.49 -9.25
C ILE A 358 -22.83 -10.08 -9.67
N VAL A 359 -22.00 -9.45 -10.50
CA VAL A 359 -22.23 -8.06 -10.85
C VAL A 359 -22.32 -7.94 -12.37
N CYS A 360 -23.54 -7.80 -12.88
CA CYS A 360 -23.72 -7.66 -14.32
C CYS A 360 -23.92 -6.19 -14.65
N ARG A 361 -24.06 -5.87 -15.94
CA ARG A 361 -24.54 -4.55 -16.29
C ARG A 361 -25.94 -4.64 -16.88
N ILE A 362 -26.64 -3.51 -16.90
CA ILE A 362 -28.02 -3.47 -17.39
C ILE A 362 -28.11 -2.58 -18.62
N ARG A 363 -28.93 -3.00 -19.58
CA ARG A 363 -29.19 -2.21 -20.78
C ARG A 363 -30.66 -2.35 -21.10
N GLU A 364 -31.38 -1.23 -21.03
CA GLU A 364 -32.83 -1.16 -21.22
C GLU A 364 -33.59 -2.34 -20.62
N ASP A 365 -33.59 -2.43 -19.29
CA ASP A 365 -34.36 -3.44 -18.58
C ASP A 365 -33.96 -4.87 -18.96
N GLN A 366 -32.73 -5.02 -19.46
CA GLN A 366 -32.17 -6.35 -19.68
C GLN A 366 -30.84 -6.50 -18.95
N LEU A 367 -30.54 -7.71 -18.48
CA LEU A 367 -29.26 -7.97 -17.83
C LEU A 367 -28.26 -8.49 -18.85
N LEU A 368 -27.05 -7.91 -18.83
CA LEU A 368 -25.97 -8.36 -19.67
C LEU A 368 -24.84 -9.01 -18.86
N PHE A 369 -24.44 -10.19 -19.29
CA PHE A 369 -23.31 -10.88 -18.74
C PHE A 369 -22.21 -10.85 -19.78
N ASP A 370 -21.31 -9.88 -19.63
CA ASP A 370 -20.19 -9.71 -20.56
C ASP A 370 -19.05 -10.69 -20.23
N MSE A 371 -18.71 -11.50 -21.23
CA MSE A 371 -17.79 -12.62 -21.10
C MSE A 371 -16.31 -12.23 -20.99
O MSE A 371 -15.47 -13.07 -20.62
CB MSE A 371 -18.00 -13.56 -22.28
CG MSE A 371 -19.41 -14.13 -22.33
SE MSE A 371 -19.74 -15.40 -20.90
CE MSE A 371 -20.66 -14.22 -19.63
N ARG A 372 -16.00 -10.98 -21.31
CA ARG A 372 -14.62 -10.49 -21.27
C ARG A 372 -14.02 -10.62 -19.87
N THR A 373 -14.86 -10.41 -18.85
CA THR A 373 -14.36 -10.43 -17.46
C THR A 373 -14.82 -11.65 -16.65
N VAL A 374 -15.66 -12.49 -17.24
CA VAL A 374 -16.11 -13.68 -16.53
C VAL A 374 -15.13 -14.81 -16.83
N PHE A 375 -14.75 -15.56 -15.81
CA PHE A 375 -13.82 -16.66 -15.99
C PHE A 375 -14.64 -17.89 -16.25
N HIS A 376 -14.22 -18.71 -17.23
CA HIS A 376 -15.02 -19.84 -17.69
C HIS A 376 -15.37 -20.82 -16.58
N GLU A 377 -14.51 -20.86 -15.56
CA GLU A 377 -14.72 -21.67 -14.37
C GLU A 377 -15.92 -21.20 -13.53
N ASP A 378 -16.32 -19.94 -13.69
CA ASP A 378 -17.41 -19.36 -12.90
C ASP A 378 -18.80 -19.58 -13.48
N LEU A 379 -18.86 -19.94 -14.77
CA LEU A 379 -20.14 -20.00 -15.47
C LEU A 379 -21.14 -20.88 -14.73
N LYS A 380 -20.62 -21.93 -14.09
CA LYS A 380 -21.43 -22.82 -13.28
C LYS A 380 -22.12 -22.07 -12.16
N THR A 381 -21.34 -21.26 -11.45
CA THR A 381 -21.86 -20.51 -10.31
C THR A 381 -23.00 -19.59 -10.74
N ILE A 382 -22.84 -18.94 -11.89
CA ILE A 382 -23.88 -18.06 -12.43
C ILE A 382 -25.19 -18.82 -12.67
N LYS A 383 -25.09 -19.98 -13.32
CA LYS A 383 -26.26 -20.84 -13.48
C LYS A 383 -26.83 -21.23 -12.12
N LYS A 384 -26.01 -21.84 -11.28
CA LYS A 384 -26.44 -22.40 -10.00
C LYS A 384 -27.12 -21.33 -9.15
N THR A 385 -26.71 -20.08 -9.35
CA THR A 385 -27.24 -18.96 -8.59
C THR A 385 -28.56 -18.45 -9.17
N LEU A 386 -28.64 -18.38 -10.50
CA LEU A 386 -29.81 -17.85 -11.17
C LEU A 386 -30.99 -18.79 -11.00
N GLN A 387 -30.70 -20.09 -10.93
CA GLN A 387 -31.76 -21.07 -10.74
C GLN A 387 -32.37 -20.97 -9.35
N GLU A 388 -31.53 -20.71 -8.35
CA GLU A 388 -32.02 -20.60 -6.98
C GLU A 388 -32.87 -19.34 -6.80
N LEU A 389 -32.38 -18.22 -7.33
CA LEU A 389 -33.13 -16.97 -7.31
C LEU A 389 -34.41 -17.00 -8.15
N LEU A 390 -34.55 -18.03 -8.99
CA LEU A 390 -35.67 -18.12 -9.90
C LEU A 390 -36.26 -19.54 -9.93
N SER A 391 -36.51 -20.09 -8.74
CA SER A 391 -36.93 -21.48 -8.62
C SER A 391 -38.45 -21.66 -8.49
N ILE A 392 -38.86 -22.80 -7.94
CA ILE A 392 -40.27 -23.08 -7.70
C ILE A 392 -40.45 -23.66 -6.29
N SER B 3 20.47 -18.39 -16.93
CA SER B 3 19.20 -18.77 -17.52
C SER B 3 18.06 -17.98 -16.90
N LEU B 4 17.80 -18.25 -15.63
CA LEU B 4 16.69 -17.62 -14.94
C LEU B 4 17.19 -16.75 -13.80
N MSE B 5 16.76 -15.51 -13.78
CA MSE B 5 17.16 -14.61 -12.72
C MSE B 5 16.25 -14.80 -11.52
O MSE B 5 15.09 -15.17 -11.65
CB MSE B 5 17.15 -13.17 -13.20
CG MSE B 5 18.22 -12.91 -14.27
SE MSE B 5 17.89 -11.26 -15.21
CE MSE B 5 16.04 -11.55 -15.75
N LYS B 6 16.82 -14.59 -10.34
CA LYS B 6 16.09 -14.74 -9.10
C LYS B 6 15.75 -13.34 -8.61
N PRO B 7 14.62 -13.21 -7.89
CA PRO B 7 14.19 -11.85 -7.52
C PRO B 7 15.08 -11.21 -6.47
N ASN B 8 15.13 -9.89 -6.48
CA ASN B 8 15.91 -9.16 -5.49
C ASN B 8 15.33 -9.29 -4.08
N ILE B 9 14.01 -9.28 -3.97
CA ILE B 9 13.39 -9.33 -2.65
C ILE B 9 13.36 -10.79 -2.21
N LYS B 10 13.79 -11.09 -1.00
CA LYS B 10 13.91 -12.51 -0.61
C LYS B 10 13.56 -12.80 0.84
N ARG B 11 13.11 -14.02 1.09
CA ARG B 11 12.91 -14.43 2.47
C ARG B 11 14.25 -14.44 3.21
N VAL B 12 14.21 -14.10 4.48
CA VAL B 12 15.43 -14.00 5.26
C VAL B 12 15.21 -14.58 6.66
N ILE B 13 16.17 -15.35 7.14
CA ILE B 13 16.09 -15.81 8.52
C ILE B 13 16.60 -14.70 9.43
N ASN B 14 15.71 -14.22 10.28
CA ASN B 14 15.99 -13.13 11.19
C ASN B 14 16.45 -13.67 12.55
N ALA B 15 17.74 -13.64 12.82
CA ALA B 15 18.25 -14.09 14.13
C ALA B 15 18.75 -12.92 14.97
N THR B 16 18.28 -11.71 14.68
CA THR B 16 18.73 -10.54 15.41
C THR B 16 18.00 -10.42 16.73
N GLY B 17 16.89 -11.13 16.86
CA GLY B 17 16.06 -10.99 18.04
C GLY B 17 15.07 -9.83 17.99
N VAL B 18 15.20 -8.98 16.98
CA VAL B 18 14.29 -7.85 16.90
C VAL B 18 13.01 -8.24 16.16
N VAL B 19 11.90 -8.22 16.88
CA VAL B 19 10.63 -8.71 16.37
C VAL B 19 10.05 -7.71 15.37
N ILE B 20 9.98 -6.45 15.80
CA ILE B 20 9.57 -5.37 14.92
C ILE B 20 10.80 -4.80 14.24
N ASN B 21 11.38 -5.56 13.32
CA ASN B 21 12.60 -5.11 12.67
C ASN B 21 12.31 -4.43 11.34
N THR B 22 12.49 -3.11 11.28
CA THR B 22 12.17 -2.37 10.07
C THR B 22 13.02 -2.81 8.88
N ASN B 23 14.34 -2.89 9.08
CA ASN B 23 15.22 -3.38 8.01
C ASN B 23 14.69 -4.66 7.39
N LEU B 24 14.07 -5.52 8.20
CA LEU B 24 13.72 -6.83 7.73
C LEU B 24 12.21 -7.03 7.51
N GLY B 25 11.47 -5.92 7.42
CA GLY B 25 10.06 -5.98 7.06
C GLY B 25 8.99 -5.85 8.14
N ARG B 26 9.38 -5.58 9.39
CA ARG B 26 8.42 -5.49 10.50
C ARG B 26 7.57 -6.76 10.63
N ALA B 27 6.29 -6.59 10.92
CA ALA B 27 5.43 -7.74 11.23
C ALA B 27 5.29 -8.72 10.08
N PRO B 28 5.64 -9.98 10.33
CA PRO B 28 5.29 -11.08 9.41
C PRO B 28 3.81 -11.31 9.55
N LEU B 29 3.18 -11.93 8.54
CA LEU B 29 1.76 -12.22 8.59
C LEU B 29 1.59 -13.72 8.62
N SER B 30 0.54 -14.19 9.28
CA SER B 30 0.26 -15.63 9.34
C SER B 30 -0.33 -16.11 8.03
N LYS B 31 -0.30 -17.42 7.83
CA LYS B 31 -0.89 -18.03 6.66
C LYS B 31 -2.35 -17.63 6.53
N ASP B 32 -3.07 -17.63 7.64
CA ASP B 32 -4.48 -17.27 7.61
C ASP B 32 -4.70 -15.86 7.07
N VAL B 33 -3.90 -14.91 7.52
CA VAL B 33 -4.02 -13.57 6.99
C VAL B 33 -3.64 -13.57 5.49
N ILE B 34 -2.62 -14.33 5.12
CA ILE B 34 -2.13 -14.29 3.74
C ILE B 34 -3.11 -14.93 2.77
N ASN B 35 -3.70 -16.07 3.17
CA ASN B 35 -4.69 -16.75 2.35
C ASN B 35 -5.86 -15.85 2.00
N PHE B 36 -6.31 -15.07 2.97
CA PHE B 36 -7.38 -14.14 2.70
C PHE B 36 -6.92 -13.09 1.69
N ILE B 37 -5.69 -12.61 1.86
CA ILE B 37 -5.16 -11.59 0.95
C ILE B 37 -5.10 -12.17 -0.49
N SER B 38 -4.79 -13.45 -0.58
CA SER B 38 -4.71 -14.13 -1.85
C SER B 38 -6.08 -14.31 -2.50
N GLU B 39 -7.08 -14.62 -1.69
CA GLU B 39 -8.42 -14.81 -2.20
C GLU B 39 -8.88 -13.52 -2.85
N ILE B 40 -8.86 -12.44 -2.08
CA ILE B 40 -9.25 -11.13 -2.58
C ILE B 40 -8.42 -10.68 -3.80
N ALA B 41 -7.13 -10.97 -3.81
CA ALA B 41 -6.31 -10.45 -4.90
C ALA B 41 -6.46 -11.23 -6.22
N ASN B 42 -6.92 -12.47 -6.13
CA ASN B 42 -6.89 -13.39 -7.25
C ASN B 42 -8.11 -13.30 -8.15
N GLY B 43 -8.59 -12.08 -8.38
CA GLY B 43 -9.83 -11.91 -9.12
C GLY B 43 -10.43 -10.57 -8.77
N TYR B 44 -11.73 -10.44 -9.00
CA TYR B 44 -12.39 -9.19 -8.68
C TYR B 44 -13.07 -9.25 -7.33
N SER B 45 -13.32 -8.07 -6.75
CA SER B 45 -13.93 -8.02 -5.41
C SER B 45 -14.76 -6.76 -5.23
N ASN B 46 -15.28 -6.57 -4.01
CA ASN B 46 -16.17 -5.45 -3.72
C ASN B 46 -15.38 -4.33 -3.05
N LEU B 47 -14.08 -4.26 -3.37
CA LEU B 47 -13.17 -3.28 -2.76
C LEU B 47 -13.76 -1.88 -2.62
N GLU B 48 -14.36 -1.37 -3.68
CA GLU B 48 -14.83 0.00 -3.67
C GLU B 48 -16.26 -0.03 -4.16
N TYR B 49 -16.97 -1.08 -3.76
CA TYR B 49 -18.33 -1.34 -4.24
C TYR B 49 -19.30 -1.67 -3.13
N ASN B 50 -20.40 -0.92 -3.06
CA ASN B 50 -21.48 -1.23 -2.14
C ASN B 50 -22.50 -2.18 -2.79
N LEU B 51 -22.39 -3.46 -2.47
CA LEU B 51 -23.24 -4.50 -3.08
C LEU B 51 -24.75 -4.39 -2.84
N GLU B 52 -25.14 -3.88 -1.68
CA GLU B 52 -26.56 -3.75 -1.36
C GLU B 52 -27.17 -2.71 -2.28
N GLU B 53 -26.49 -1.57 -2.39
CA GLU B 53 -26.96 -0.47 -3.23
C GLU B 53 -26.48 -0.57 -4.69
N GLY B 54 -25.58 -1.51 -4.97
CA GLY B 54 -25.03 -1.70 -6.30
C GLY B 54 -24.38 -0.47 -6.91
N LYS B 55 -23.58 0.21 -6.11
CA LYS B 55 -23.04 1.51 -6.48
C LYS B 55 -21.65 1.59 -5.89
N ARG B 56 -20.84 2.53 -6.38
CA ARG B 56 -19.54 2.80 -5.78
C ARG B 56 -19.65 3.05 -4.26
N GLY B 57 -18.67 2.57 -3.49
CA GLY B 57 -18.63 2.84 -2.07
C GLY B 57 -17.18 3.00 -1.60
N SER B 58 -16.97 3.56 -0.42
CA SER B 58 -15.59 3.79 0.02
C SER B 58 -15.00 2.54 0.69
N ARG B 59 -13.75 2.23 0.36
CA ARG B 59 -13.12 1.02 0.87
C ARG B 59 -12.98 1.00 2.41
N ILE B 60 -12.94 2.17 3.03
CA ILE B 60 -12.74 2.22 4.48
C ILE B 60 -13.95 1.66 5.23
N ALA B 61 -15.10 1.67 4.58
CA ALA B 61 -16.29 1.10 5.20
C ALA B 61 -16.11 -0.38 5.52
N HIS B 62 -15.12 -1.02 4.91
CA HIS B 62 -14.93 -2.45 5.09
C HIS B 62 -14.28 -2.80 6.44
N ILE B 63 -13.62 -1.83 7.07
CA ILE B 63 -12.93 -2.14 8.31
C ILE B 63 -13.19 -1.15 9.43
N GLU B 64 -13.94 -0.09 9.15
CA GLU B 64 -14.08 0.94 10.17
C GLU B 64 -14.82 0.48 11.43
N LYS B 65 -15.84 -0.39 11.28
CA LYS B 65 -16.54 -0.92 12.45
C LYS B 65 -15.56 -1.63 13.35
N TYR B 66 -14.70 -2.43 12.74
CA TYR B 66 -13.69 -3.17 13.48
C TYR B 66 -12.89 -2.24 14.39
N LEU B 67 -12.38 -1.16 13.82
CA LEU B 67 -11.53 -0.25 14.58
C LEU B 67 -12.31 0.44 15.71
N ASN B 68 -13.46 1.00 15.36
CA ASN B 68 -14.26 1.71 16.35
C ASN B 68 -14.52 0.87 17.59
N GLU B 69 -14.96 -0.37 17.40
CA GLU B 69 -15.19 -1.28 18.53
C GLU B 69 -13.93 -1.49 19.34
N LEU B 70 -12.83 -1.83 18.67
CA LEU B 70 -11.61 -2.24 19.36
C LEU B 70 -10.95 -1.09 20.09
N THR B 71 -11.40 0.12 19.83
CA THR B 71 -10.77 1.30 20.41
C THR B 71 -11.77 2.16 21.16
N GLY B 72 -13.06 1.88 20.95
CA GLY B 72 -14.13 2.69 21.49
C GLY B 72 -14.23 4.08 20.89
N ALA B 73 -13.57 4.30 19.76
CA ALA B 73 -13.60 5.63 19.17
C ALA B 73 -14.94 5.91 18.46
N GLU B 74 -15.26 7.19 18.27
CA GLU B 74 -16.41 7.57 17.46
C GLU B 74 -16.22 7.11 16.01
N SER B 75 -15.08 7.45 15.41
CA SER B 75 -14.87 7.12 14.02
C SER B 75 -13.44 6.69 13.77
N SER B 76 -13.21 6.06 12.62
CA SER B 76 -11.86 5.62 12.26
C SER B 76 -11.61 5.78 10.78
N PHE B 77 -10.33 5.83 10.42
CA PHE B 77 -9.95 5.92 9.03
C PHE B 77 -8.56 5.32 8.91
N VAL B 78 -8.15 4.95 7.70
CA VAL B 78 -6.84 4.33 7.52
C VAL B 78 -6.17 4.84 6.26
N VAL B 79 -4.90 5.23 6.38
CA VAL B 79 -4.13 5.64 5.22
C VAL B 79 -2.86 4.82 5.05
N ASN B 80 -2.10 5.19 4.03
CA ASN B 80 -0.95 4.39 3.58
C ASN B 80 -0.03 3.95 4.70
N ASN B 81 0.42 4.89 5.51
CA ASN B 81 1.24 4.59 6.68
C ASN B 81 1.01 5.68 7.72
N ASN B 82 1.69 5.58 8.86
CA ASN B 82 1.39 6.49 9.95
C ASN B 82 2.12 7.83 9.77
N ALA B 83 3.25 7.78 9.06
CA ALA B 83 3.89 9.00 8.58
C ALA B 83 2.84 9.84 7.83
N GLY B 84 2.11 9.19 6.94
CA GLY B 84 1.05 9.85 6.18
C GLY B 84 -0.06 10.39 7.06
N ALA B 85 -0.47 9.58 8.04
CA ALA B 85 -1.50 9.98 9.00
C ALA B 85 -1.12 11.32 9.65
N VAL B 86 0.10 11.37 10.16
CA VAL B 86 0.62 12.59 10.78
C VAL B 86 0.52 13.80 9.86
N PHE B 87 0.97 13.59 8.63
CA PHE B 87 0.99 14.62 7.63
C PHE B 87 -0.43 15.05 7.37
N LEU B 88 -1.30 14.06 7.15
CA LEU B 88 -2.69 14.31 6.84
C LEU B 88 -3.42 15.04 7.98
N VAL B 89 -3.15 14.63 9.22
CA VAL B 89 -3.82 15.26 10.33
C VAL B 89 -3.35 16.71 10.46
N LEU B 90 -2.04 16.92 10.39
CA LEU B 90 -1.53 18.28 10.51
C LEU B 90 -2.09 19.11 9.37
N ASN B 91 -1.94 18.63 8.14
CA ASN B 91 -2.37 19.44 7.01
C ASN B 91 -3.86 19.76 7.05
N THR B 92 -4.66 18.78 7.46
CA THR B 92 -6.08 18.99 7.57
C THR B 92 -6.42 20.06 8.61
N LEU B 93 -5.96 19.86 9.84
CA LEU B 93 -6.46 20.67 10.95
C LEU B 93 -5.65 21.93 11.18
N ALA B 94 -4.46 22.03 10.60
CA ALA B 94 -3.57 23.11 11.00
C ALA B 94 -2.80 23.80 9.88
N GLU B 95 -3.26 23.67 8.64
CA GLU B 95 -2.60 24.39 7.56
C GLU B 95 -2.65 25.88 7.85
N GLY B 96 -1.50 26.56 7.70
CA GLY B 96 -1.40 27.97 7.99
C GLY B 96 -1.61 28.32 9.45
N LYS B 97 -1.79 27.32 10.30
CA LYS B 97 -2.02 27.55 11.71
C LYS B 97 -0.95 26.91 12.59
N GLU B 98 -1.12 27.00 13.90
CA GLU B 98 -0.09 26.53 14.83
C GLU B 98 -0.40 25.18 15.47
N VAL B 99 0.60 24.32 15.48
CA VAL B 99 0.56 23.10 16.28
C VAL B 99 1.56 23.21 17.41
N ILE B 100 1.07 22.93 18.61
CA ILE B 100 1.90 22.94 19.79
C ILE B 100 2.41 21.53 20.07
N ILE B 101 3.73 21.38 20.17
CA ILE B 101 4.32 20.06 20.43
C ILE B 101 5.60 20.21 21.27
N SER B 102 5.90 19.22 22.11
CA SER B 102 7.11 19.29 22.94
C SER B 102 8.36 19.11 22.10
N ARG B 103 9.41 19.84 22.44
CA ARG B 103 10.64 19.84 21.66
C ARG B 103 11.28 18.47 21.54
N GLY B 104 11.27 17.71 22.62
CA GLY B 104 11.83 16.37 22.61
C GLY B 104 11.01 15.37 21.81
N GLU B 105 9.69 15.47 21.90
CA GLU B 105 8.79 14.53 21.23
C GLU B 105 8.90 14.69 19.72
N LEU B 106 9.53 15.78 19.31
CA LEU B 106 9.70 16.07 17.90
C LEU B 106 10.98 15.47 17.37
N VAL B 107 11.89 15.09 18.27
CA VAL B 107 13.17 14.51 17.88
C VAL B 107 13.06 13.03 17.54
N GLU B 108 13.49 12.68 16.33
CA GLU B 108 13.53 11.30 15.85
C GLU B 108 12.20 10.60 16.05
N ILE B 109 11.13 11.22 15.58
CA ILE B 109 9.81 10.61 15.67
C ILE B 109 9.78 9.24 14.98
N GLY B 110 9.35 8.23 15.74
CA GLY B 110 9.26 6.88 15.24
C GLY B 110 10.58 6.22 14.93
N GLY B 111 11.68 6.85 15.32
CA GLY B 111 13.00 6.35 14.96
C GLY B 111 13.45 6.90 13.61
N SER B 112 12.63 7.78 13.05
CA SER B 112 12.91 8.38 11.75
C SER B 112 13.25 9.87 11.87
N PHE B 113 14.22 10.33 11.09
CA PHE B 113 14.57 11.74 11.04
C PHE B 113 13.82 12.45 9.92
N ARG B 114 12.95 11.69 9.24
CA ARG B 114 12.18 12.22 8.13
C ARG B 114 10.80 12.70 8.56
N ILE B 115 10.28 12.09 9.63
CA ILE B 115 8.95 12.45 10.10
C ILE B 115 8.86 13.90 10.55
N PRO B 116 9.83 14.38 11.36
CA PRO B 116 9.63 15.78 11.78
C PRO B 116 9.60 16.72 10.58
N ASP B 117 10.42 16.43 9.57
CA ASP B 117 10.39 17.22 8.34
C ASP B 117 9.08 17.12 7.55
N ILE B 118 8.44 15.96 7.59
CA ILE B 118 7.12 15.80 6.99
C ILE B 118 6.13 16.75 7.63
N MSE B 119 6.21 16.88 8.95
CA MSE B 119 5.35 17.78 9.68
C MSE B 119 5.64 19.21 9.25
O MSE B 119 4.73 20.05 9.22
CB MSE B 119 5.60 17.65 11.16
CG MSE B 119 5.30 16.26 11.66
SE MSE B 119 5.69 16.08 13.58
CE MSE B 119 4.74 17.66 14.22
N LYS B 120 6.88 19.50 8.91
CA LYS B 120 7.23 20.82 8.42
C LYS B 120 6.64 21.06 7.03
N LYS B 121 6.55 20.00 6.22
CA LYS B 121 6.01 20.10 4.87
C LYS B 121 4.49 20.13 4.89
N SER B 122 3.88 19.81 6.03
CA SER B 122 2.43 19.68 6.10
C SER B 122 1.79 21.04 5.93
N GLY B 123 2.61 22.08 6.04
CA GLY B 123 2.11 23.44 5.96
C GLY B 123 1.63 23.95 7.31
N ALA B 124 1.85 23.15 8.35
CA ALA B 124 1.53 23.63 9.70
C ALA B 124 2.74 24.37 10.24
N ILE B 125 2.47 25.36 11.08
CA ILE B 125 3.53 26.08 11.78
C ILE B 125 3.76 25.39 13.13
N LEU B 126 4.96 24.86 13.31
CA LEU B 126 5.28 24.13 14.53
C LEU B 126 5.77 25.04 15.64
N ARG B 127 4.97 25.10 16.71
CA ARG B 127 5.29 25.87 17.90
C ARG B 127 6.03 24.97 18.88
N GLU B 128 7.35 24.92 18.81
CA GLU B 128 8.12 24.03 19.71
C GLU B 128 8.28 24.64 21.09
N VAL B 129 7.72 23.97 22.10
CA VAL B 129 7.85 24.45 23.47
C VAL B 129 8.83 23.65 24.31
N GLY B 130 9.42 24.32 25.30
CA GLY B 130 10.27 23.66 26.28
C GLY B 130 11.62 23.28 25.72
N TYR B 131 12.31 22.38 26.41
CA TYR B 131 13.63 21.99 25.97
C TYR B 131 13.65 20.49 25.64
N TYR B 132 14.80 19.95 25.24
CA TYR B 132 14.89 18.57 24.72
C TYR B 132 14.36 17.49 25.68
N ASN B 133 14.73 17.56 26.96
CA ASN B 133 14.20 16.63 27.94
C ASN B 133 13.35 17.29 29.03
N LYS B 134 13.11 18.59 28.91
CA LYS B 134 12.25 19.30 29.84
C LYS B 134 11.09 19.99 29.13
N THR B 135 9.88 19.49 29.35
CA THR B 135 8.70 20.23 28.91
C THR B 135 7.72 20.41 30.07
N LYS B 136 7.60 21.64 30.56
CA LYS B 136 6.70 21.94 31.67
C LYS B 136 5.32 22.34 31.14
N VAL B 137 4.27 21.75 31.73
CA VAL B 137 2.88 22.01 31.30
C VAL B 137 2.57 23.50 31.17
N SER B 138 3.20 24.31 32.02
CA SER B 138 3.05 25.75 31.98
C SER B 138 3.56 26.43 30.71
N ARG B 139 4.73 25.99 30.20
CA ARG B 139 5.31 26.61 29.00
C ARG B 139 4.50 26.13 27.78
N TYR B 140 3.90 24.95 27.92
CA TYR B 140 3.02 24.41 26.89
C TYR B 140 1.77 25.27 26.79
N GLU B 141 1.07 25.42 27.92
CA GLU B 141 -0.19 26.16 27.99
C GLU B 141 -0.03 27.62 27.55
N GLY B 142 1.16 28.18 27.74
CA GLY B 142 1.41 29.57 27.42
C GLY B 142 1.63 29.80 25.94
N ALA B 143 1.89 28.73 25.20
CA ALA B 143 2.18 28.86 23.78
C ALA B 143 0.89 29.05 23.01
N ILE B 144 -0.21 28.70 23.68
CA ILE B 144 -1.53 28.74 23.07
C ILE B 144 -1.90 30.15 22.60
N ASN B 145 -2.30 30.26 21.33
CA ASN B 145 -2.68 31.50 20.68
C ASN B 145 -4.11 31.47 20.19
N GLN B 146 -4.55 32.59 19.64
CA GLN B 146 -5.75 32.62 18.82
C GLN B 146 -5.44 31.83 17.57
N ASN B 147 -4.18 31.86 17.14
CA ASN B 147 -3.69 31.12 15.97
C ASN B 147 -3.27 29.68 16.30
N THR B 148 -3.66 29.16 17.45
CA THR B 148 -3.35 27.77 17.81
C THR B 148 -4.50 26.85 17.37
N ALA B 149 -4.20 25.82 16.60
CA ALA B 149 -5.25 24.95 16.06
C ALA B 149 -5.15 23.48 16.48
N LEU B 150 -3.99 23.08 16.99
CA LEU B 150 -3.78 21.68 17.37
C LEU B 150 -2.84 21.56 18.56
N LEU B 151 -3.20 20.71 19.54
CA LEU B 151 -2.27 20.33 20.60
C LEU B 151 -1.77 18.90 20.35
N MSE B 152 -0.45 18.75 20.21
CA MSE B 152 0.10 17.46 19.84
C MSE B 152 1.03 16.82 20.89
O MSE B 152 1.77 17.51 21.62
CB MSE B 152 0.83 17.56 18.51
CG MSE B 152 1.09 16.23 17.85
SE MSE B 152 1.83 16.55 16.06
CE MSE B 152 2.03 14.68 15.49
N LYS B 153 0.94 15.50 20.97
CA LYS B 153 1.90 14.69 21.69
C LYS B 153 2.33 13.55 20.79
N VAL B 154 3.61 13.19 20.87
CA VAL B 154 4.16 12.07 20.14
C VAL B 154 4.82 11.15 21.15
N HIS B 155 4.54 9.85 21.02
CA HIS B 155 5.21 8.82 21.81
C HIS B 155 6.73 8.92 21.63
N LYS B 156 7.48 8.83 22.71
CA LYS B 156 8.91 9.13 22.64
C LYS B 156 9.77 8.00 22.06
N SER B 157 11.02 8.35 21.70
CA SER B 157 11.96 7.39 21.12
C SER B 157 13.37 7.55 21.67
N GLU B 166 10.93 15.92 33.23
CA GLU B 166 9.47 16.03 33.22
C GLU B 166 8.90 16.35 31.82
N GLU B 167 7.69 15.84 31.55
CA GLU B 167 7.01 16.08 30.28
C GLU B 167 5.57 16.54 30.52
N VAL B 168 4.84 16.74 29.44
CA VAL B 168 3.40 16.93 29.56
C VAL B 168 2.76 15.55 29.44
N LYS B 169 1.76 15.26 30.26
CA LYS B 169 1.10 13.95 30.23
C LYS B 169 -0.16 14.00 29.39
N LEU B 170 -0.65 12.83 28.98
CA LEU B 170 -1.84 12.74 28.13
C LEU B 170 -3.05 13.40 28.81
N GLU B 171 -3.23 13.10 30.10
CA GLU B 171 -4.33 13.65 30.89
C GLU B 171 -4.26 15.17 30.91
N ASP B 172 -3.04 15.71 30.89
CA ASP B 172 -2.82 17.15 30.80
C ASP B 172 -3.21 17.69 29.43
N LEU B 173 -2.77 17.00 28.38
CA LEU B 173 -3.08 17.41 27.02
C LEU B 173 -4.60 17.57 26.88
N VAL B 174 -5.32 16.59 27.39
CA VAL B 174 -6.78 16.60 27.37
C VAL B 174 -7.35 17.84 28.07
N LYS B 175 -6.82 18.15 29.25
CA LYS B 175 -7.27 19.33 29.98
C LYS B 175 -6.98 20.64 29.24
N LEU B 176 -5.75 20.84 28.77
CA LEU B 176 -5.44 22.03 27.98
C LEU B 176 -6.38 22.15 26.79
N GLY B 177 -6.58 21.02 26.11
CA GLY B 177 -7.49 20.95 25.00
C GLY B 177 -8.92 21.35 25.33
N HIS B 178 -9.45 20.83 26.45
CA HIS B 178 -10.79 21.21 26.89
C HIS B 178 -10.85 22.68 27.28
N LYS B 179 -9.86 23.13 28.04
CA LYS B 179 -9.78 24.53 28.49
C LYS B 179 -9.78 25.56 27.36
N TYR B 180 -8.93 25.39 26.36
CA TYR B 180 -8.81 26.38 25.29
C TYR B 180 -9.61 26.03 24.03
N GLY B 181 -10.29 24.88 24.03
CA GLY B 181 -11.11 24.51 22.90
C GLY B 181 -10.30 24.19 21.65
N ILE B 182 -9.27 23.37 21.83
CA ILE B 182 -8.38 22.98 20.75
C ILE B 182 -8.29 21.46 20.74
N PRO B 183 -8.40 20.86 19.54
CA PRO B 183 -8.29 19.40 19.40
C PRO B 183 -6.94 18.85 19.84
N THR B 184 -6.96 17.66 20.42
CA THR B 184 -5.77 16.98 20.87
C THR B 184 -5.44 15.79 19.98
N TYR B 185 -4.17 15.66 19.65
CA TYR B 185 -3.73 14.59 18.77
C TYR B 185 -2.52 13.92 19.38
N TYR B 186 -2.64 12.60 19.52
CA TYR B 186 -1.54 11.81 20.05
C TYR B 186 -1.07 10.82 18.98
N ASP B 187 0.12 11.05 18.45
CA ASP B 187 0.69 10.08 17.54
C ASP B 187 1.34 8.99 18.38
N ALA B 188 0.54 7.98 18.73
CA ALA B 188 0.98 6.86 19.54
C ALA B 188 2.13 6.07 18.91
N GLY B 189 2.02 5.78 17.61
CA GLY B 189 3.08 5.07 16.92
C GLY B 189 2.99 3.55 16.94
N SER B 190 3.04 2.95 18.13
CA SER B 190 3.16 1.50 18.30
C SER B 190 2.08 0.74 17.57
N GLY B 191 0.90 1.33 17.50
CA GLY B 191 -0.26 0.69 16.90
C GLY B 191 -0.93 -0.33 17.82
N LEU B 192 -0.47 -0.38 19.07
CA LEU B 192 -0.97 -1.33 20.05
C LEU B 192 -2.49 -1.29 20.29
N LEU B 193 -3.13 -2.45 20.26
CA LEU B 193 -4.57 -2.53 20.45
C LEU B 193 -4.92 -3.06 21.84
N ILE B 194 -4.10 -3.98 22.31
CA ILE B 194 -4.41 -4.72 23.52
C ILE B 194 -3.58 -4.24 24.71
N ASN B 195 -3.95 -4.71 25.90
CA ASN B 195 -3.15 -4.49 27.09
C ASN B 195 -2.07 -5.57 27.19
N LEU B 196 -0.81 -5.15 27.13
CA LEU B 196 0.27 -6.14 27.13
C LEU B 196 0.40 -6.86 28.47
N LYS B 197 -0.28 -6.34 29.50
CA LYS B 197 -0.29 -7.00 30.80
C LYS B 197 -1.09 -8.30 30.76
N GLU B 198 -2.07 -8.37 29.86
CA GLU B 198 -2.87 -9.58 29.69
C GLU B 198 -2.04 -10.75 29.13
N PHE B 199 -0.74 -10.52 28.92
CA PHE B 199 0.12 -11.55 28.37
C PHE B 199 1.35 -11.80 29.24
N GLY B 200 1.47 -11.02 30.30
CA GLY B 200 2.56 -11.22 31.24
C GLY B 200 3.68 -10.22 31.06
N ILE B 201 3.48 -9.30 30.12
CA ILE B 201 4.50 -8.33 29.79
C ILE B 201 4.19 -6.96 30.38
N SER B 202 5.21 -6.33 30.95
CA SER B 202 5.06 -5.08 31.67
C SER B 202 5.70 -3.92 30.95
N VAL B 203 4.89 -3.05 30.35
CA VAL B 203 5.44 -1.86 29.73
C VAL B 203 4.50 -0.66 29.80
N ASP B 204 5.12 0.52 29.94
CA ASP B 204 4.39 1.77 29.80
C ASP B 204 4.21 2.05 28.32
N GLU B 205 3.34 1.27 27.69
CA GLU B 205 2.98 1.49 26.31
C GLU B 205 1.46 1.60 26.24
N PRO B 206 0.96 2.83 26.06
CA PRO B 206 -0.50 3.03 26.00
C PRO B 206 -1.11 2.47 24.72
N ASN B 207 -2.23 1.75 24.85
CA ASN B 207 -2.94 1.26 23.67
C ASN B 207 -4.02 2.24 23.18
N PHE B 208 -4.63 1.91 22.03
CA PHE B 208 -5.61 2.80 21.43
C PHE B 208 -6.80 3.05 22.37
N ARG B 209 -7.41 1.97 22.86
CA ARG B 209 -8.59 2.06 23.71
C ARG B 209 -8.37 3.01 24.89
N ASP B 210 -7.21 2.93 25.53
CA ASP B 210 -6.87 3.76 26.68
C ASP B 210 -6.75 5.26 26.40
N CYS B 211 -6.07 5.63 25.31
CA CYS B 211 -5.93 7.06 24.95
C CYS B 211 -7.28 7.69 24.63
N ILE B 212 -8.19 6.90 24.07
CA ILE B 212 -9.51 7.41 23.74
C ILE B 212 -10.39 7.47 25.01
N SER B 213 -10.22 6.51 25.91
CA SER B 213 -10.89 6.57 27.22
C SER B 213 -10.56 7.87 27.96
N LEU B 214 -9.28 8.26 27.93
CA LEU B 214 -8.81 9.54 28.47
C LEU B 214 -9.36 10.78 27.76
N GLY B 215 -9.91 10.60 26.56
CA GLY B 215 -10.50 11.72 25.85
C GLY B 215 -9.58 12.42 24.86
N ILE B 216 -8.53 11.74 24.43
CA ILE B 216 -7.72 12.26 23.33
C ILE B 216 -8.60 12.33 22.08
N ASP B 217 -8.56 13.46 21.38
CA ASP B 217 -9.44 13.63 20.23
C ASP B 217 -9.04 12.79 19.02
N LEU B 218 -7.74 12.77 18.72
CA LEU B 218 -7.23 11.96 17.62
C LEU B 218 -6.05 11.14 18.10
N VAL B 219 -6.06 9.86 17.76
CA VAL B 219 -4.94 8.98 18.07
C VAL B 219 -4.56 8.22 16.80
N SER B 220 -3.27 8.15 16.49
CA SER B 220 -2.85 7.39 15.31
C SER B 220 -1.71 6.42 15.57
N GLY B 221 -1.65 5.35 14.78
CA GLY B 221 -0.51 4.44 14.80
C GLY B 221 -0.29 3.62 13.53
N SER B 222 0.92 3.06 13.39
CA SER B 222 1.25 2.10 12.33
C SER B 222 0.46 0.83 12.52
N GLY B 223 0.30 0.05 11.44
CA GLY B 223 -0.41 -1.22 11.53
C GLY B 223 0.54 -2.39 11.57
N ASP B 224 1.82 -2.12 11.41
CA ASP B 224 2.75 -3.22 11.22
C ASP B 224 3.82 -3.26 12.30
N1 LLP B 225 5.46 8.10 14.56
C2 LLP B 225 5.69 7.19 15.56
C2' LLP B 225 5.64 7.70 17.03
C3 LLP B 225 5.96 5.86 15.25
O3 LLP B 225 6.20 4.94 16.27
C4 LLP B 225 5.99 5.46 13.91
C4' LLP B 225 6.27 4.03 13.49
C5 LLP B 225 5.75 6.44 12.92
C6 LLP B 225 5.50 7.75 13.27
C5' LLP B 225 5.78 6.04 11.42
OP4 LLP B 225 4.76 5.25 10.98
P LLP B 225 4.91 4.41 9.63
OP1 LLP B 225 4.88 5.40 8.42
OP2 LLP B 225 3.75 3.43 9.54
OP3 LLP B 225 6.31 3.74 9.68
N LLP B 225 3.50 -2.69 13.45
CA LLP B 225 4.37 -2.84 14.60
CB LLP B 225 4.82 -1.49 15.15
CG LLP B 225 5.49 -0.59 14.12
CD LLP B 225 5.68 0.88 14.68
CE LLP B 225 6.75 1.73 13.99
NZ LLP B 225 6.51 3.05 14.39
C LLP B 225 3.67 -3.70 15.57
O LLP B 225 3.43 -4.88 15.26
N LEU B 226 3.29 -3.16 16.72
CA LEU B 226 2.63 -3.98 17.73
C LEU B 226 1.26 -4.52 17.32
N LEU B 227 0.59 -3.87 16.35
CA LEU B 227 -0.70 -4.40 15.88
C LEU B 227 -0.47 -5.71 15.18
N GLY B 228 0.68 -5.85 14.51
CA GLY B 228 1.03 -7.09 13.84
C GLY B 228 0.28 -7.38 12.54
N GLY B 229 -0.23 -6.33 11.88
CA GLY B 229 -0.83 -6.48 10.56
C GLY B 229 0.04 -5.85 9.48
N PRO B 230 -0.51 -5.63 8.28
CA PRO B 230 0.38 -5.03 7.27
C PRO B 230 0.61 -3.53 7.50
N GLN B 231 1.49 -2.93 6.69
CA GLN B 231 1.71 -1.48 6.78
C GLN B 231 0.39 -0.70 6.65
N ALA B 232 0.19 0.30 7.52
CA ALA B 232 -1.02 1.11 7.51
C ALA B 232 -0.90 2.23 8.50
N GLY B 233 -1.58 3.33 8.21
CA GLY B 233 -1.69 4.42 9.16
C GLY B 233 -3.08 4.49 9.72
N ILE B 234 -3.24 3.99 10.94
CA ILE B 234 -4.55 3.97 11.56
C ILE B 234 -4.83 5.24 12.34
N ILE B 235 -5.91 5.94 11.98
CA ILE B 235 -6.33 7.12 12.73
C ILE B 235 -7.69 6.88 13.35
N VAL B 236 -7.84 7.17 14.65
CA VAL B 236 -9.16 7.10 15.30
C VAL B 236 -9.45 8.28 16.23
N GLY B 237 -10.74 8.54 16.43
CA GLY B 237 -11.17 9.53 17.40
C GLY B 237 -12.46 10.19 16.98
N LYS B 238 -12.52 11.51 17.18
CA LYS B 238 -13.77 12.27 17.00
C LYS B 238 -14.25 12.32 15.55
N LYS B 239 -15.47 11.84 15.34
CA LYS B 239 -16.15 11.82 14.04
C LYS B 239 -16.06 13.15 13.27
N ASN B 240 -16.11 14.26 14.00
CA ASN B 240 -16.00 15.58 13.40
C ASN B 240 -14.63 15.79 12.72
N LEU B 241 -13.58 15.38 13.43
CA LEU B 241 -12.20 15.51 12.93
C LEU B 241 -11.94 14.47 11.84
N ILE B 242 -12.45 13.25 12.05
CA ILE B 242 -12.28 12.19 11.08
C ILE B 242 -12.85 12.62 9.73
N GLU B 243 -14.09 13.08 9.74
CA GLU B 243 -14.74 13.49 8.50
C GLU B 243 -13.89 14.52 7.75
N LYS B 244 -13.48 15.59 8.44
CA LYS B 244 -12.57 16.57 7.86
C LYS B 244 -11.38 15.90 7.17
N ILE B 245 -10.75 14.96 7.88
CA ILE B 245 -9.59 14.26 7.35
C ILE B 245 -9.92 13.46 6.07
N LYS B 246 -11.05 12.76 6.06
CA LYS B 246 -11.48 12.00 4.88
C LYS B 246 -11.83 12.87 3.67
N LYS B 247 -12.21 14.12 3.92
CA LYS B 247 -12.55 15.06 2.84
C LYS B 247 -11.30 15.73 2.30
N ASN B 248 -10.20 15.66 3.04
CA ASN B 248 -8.97 16.29 2.58
C ASN B 248 -8.52 15.51 1.36
N PRO B 249 -8.48 16.17 0.19
CA PRO B 249 -8.18 15.47 -1.06
C PRO B 249 -6.83 14.76 -1.01
N ILE B 250 -5.93 15.26 -0.19
CA ILE B 250 -4.67 14.58 0.10
C ILE B 250 -4.88 13.11 0.51
N ALA B 251 -5.98 12.84 1.21
CA ALA B 251 -6.34 11.47 1.58
C ALA B 251 -6.28 10.51 0.39
N ARG B 252 -6.65 11.02 -0.78
CA ARG B 252 -6.73 10.22 -1.99
C ARG B 252 -5.35 9.76 -2.46
N ALA B 253 -4.33 10.58 -2.23
CA ALA B 253 -2.96 10.19 -2.54
C ALA B 253 -2.48 9.15 -1.53
N LEU B 254 -2.99 9.26 -0.30
CA LEU B 254 -2.56 8.38 0.79
C LEU B 254 -3.40 7.13 0.87
N ARG B 255 -4.30 6.95 -0.11
CA ARG B 255 -5.29 5.86 -0.05
C ARG B 255 -4.70 4.46 -0.01
N ILE B 256 -5.25 3.64 0.88
CA ILE B 256 -4.74 2.30 1.15
C ILE B 256 -5.11 1.34 0.03
N ASP B 257 -4.18 0.47 -0.32
CA ASP B 257 -4.39 -0.46 -1.41
C ASP B 257 -5.20 -1.65 -0.94
N LYS B 258 -5.54 -2.53 -1.87
CA LYS B 258 -6.39 -3.71 -1.61
C LYS B 258 -5.69 -4.82 -0.82
N LEU B 259 -4.40 -5.01 -1.03
CA LEU B 259 -3.68 -6.07 -0.34
C LEU B 259 -3.61 -5.73 1.15
N THR B 260 -3.13 -4.53 1.47
CA THR B 260 -3.04 -4.15 2.86
C THR B 260 -4.42 -4.04 3.53
N LEU B 261 -5.43 -3.62 2.79
CA LEU B 261 -6.73 -3.43 3.41
C LEU B 261 -7.34 -4.79 3.77
N SER B 262 -7.17 -5.76 2.87
CA SER B 262 -7.69 -7.10 3.11
C SER B 262 -6.94 -7.71 4.27
N GLY B 263 -5.63 -7.49 4.30
CA GLY B 263 -4.77 -8.03 5.34
C GLY B 263 -5.17 -7.42 6.66
N LEU B 264 -5.55 -6.14 6.63
CA LEU B 264 -5.95 -5.42 7.82
C LEU B 264 -7.32 -5.92 8.30
N GLU B 265 -8.24 -6.17 7.38
CA GLU B 265 -9.53 -6.73 7.79
C GLU B 265 -9.35 -8.09 8.48
N MSE B 266 -8.56 -8.97 7.89
CA MSE B 266 -8.37 -10.30 8.48
C MSE B 266 -7.55 -10.26 9.78
O MSE B 266 -7.83 -11.00 10.73
CB MSE B 266 -7.78 -11.26 7.46
CG MSE B 266 -7.66 -12.72 7.90
SE MSE B 266 -9.38 -13.49 8.49
CE MSE B 266 -10.24 -13.71 6.73
N THR B 267 -6.55 -9.38 9.85
CA THR B 267 -5.84 -9.16 11.11
C THR B 267 -6.83 -8.75 12.23
N LEU B 268 -7.71 -7.82 11.92
CA LEU B 268 -8.69 -7.31 12.88
C LEU B 268 -9.75 -8.36 13.25
N LYS B 269 -10.14 -9.21 12.30
CA LYS B 269 -11.00 -10.35 12.63
C LYS B 269 -10.33 -11.26 13.65
N LEU B 270 -9.01 -11.42 13.53
CA LEU B 270 -8.27 -12.26 14.47
C LEU B 270 -8.41 -11.69 15.89
N TYR B 271 -8.23 -10.39 16.04
CA TYR B 271 -8.37 -9.72 17.33
C TYR B 271 -9.75 -9.94 17.96
N PHE B 272 -10.79 -9.90 17.13
CA PHE B 272 -12.15 -10.18 17.57
C PHE B 272 -12.35 -11.61 18.09
N GLU B 273 -11.79 -12.57 17.37
CA GLU B 273 -11.93 -13.99 17.75
C GLU B 273 -10.88 -14.40 18.79
N LYS B 274 -10.21 -13.42 19.38
CA LYS B 274 -9.17 -13.66 20.40
C LYS B 274 -8.08 -14.63 19.95
N ARG B 275 -7.79 -14.65 18.64
CA ARG B 275 -6.81 -15.59 18.09
C ARG B 275 -5.38 -15.02 18.06
N TYR B 276 -4.94 -14.51 19.20
CA TYR B 276 -3.64 -13.83 19.34
C TYR B 276 -2.44 -14.70 18.89
N GLU B 277 -2.61 -16.02 18.96
CA GLU B 277 -1.56 -16.94 18.55
C GLU B 277 -1.33 -16.88 17.05
N ASP B 278 -2.31 -16.32 16.33
CA ASP B 278 -2.23 -16.24 14.87
C ASP B 278 -1.73 -14.88 14.38
N ILE B 279 -1.17 -14.10 15.30
CA ILE B 279 -0.54 -12.83 14.98
C ILE B 279 0.93 -12.92 15.40
N PRO B 280 1.82 -13.21 14.44
CA PRO B 280 3.23 -13.55 14.68
C PRO B 280 3.88 -12.63 15.69
N VAL B 281 3.73 -11.31 15.53
CA VAL B 281 4.31 -10.37 16.50
C VAL B 281 3.96 -10.71 17.97
N ILE B 282 2.68 -10.98 18.24
CA ILE B 282 2.29 -11.28 19.60
C ILE B 282 2.83 -12.65 20.03
N ARG B 283 2.65 -13.63 19.15
CA ARG B 283 3.11 -15.00 19.41
C ARG B 283 4.58 -14.95 19.79
N MSE B 284 5.38 -14.23 19.02
CA MSE B 284 6.81 -14.17 19.29
C MSE B 284 7.13 -13.41 20.56
O MSE B 284 8.06 -13.75 21.26
CB MSE B 284 7.56 -13.51 18.14
CG MSE B 284 7.88 -14.42 16.97
SE MSE B 284 8.85 -13.39 15.58
CE MSE B 284 7.30 -12.61 14.71
N LEU B 285 6.35 -12.37 20.84
CA LEU B 285 6.61 -11.58 22.02
C LEU B 285 6.21 -12.30 23.31
N THR B 286 5.31 -13.28 23.18
CA THR B 286 4.81 -14.02 24.35
C THR B 286 5.35 -15.44 24.41
N GLN B 287 6.43 -15.69 23.68
CA GLN B 287 7.17 -16.94 23.85
C GLN B 287 7.77 -16.93 25.26
N ASP B 288 7.47 -17.94 26.04
CA ASP B 288 8.05 -17.95 27.38
C ASP B 288 9.54 -18.21 27.33
N GLU B 289 10.23 -17.77 28.37
CA GLU B 289 11.67 -17.93 28.49
C GLU B 289 12.09 -19.40 28.33
N LYS B 290 11.20 -20.32 28.68
CA LYS B 290 11.51 -21.75 28.60
C LYS B 290 11.55 -22.27 27.16
N ALA B 291 10.55 -21.93 26.37
CA ALA B 291 10.54 -22.31 24.96
C ALA B 291 11.81 -21.81 24.26
N LEU B 292 12.26 -20.61 24.65
CA LEU B 292 13.43 -19.98 24.04
C LEU B 292 14.75 -20.71 24.34
N ARG B 293 14.93 -21.15 25.59
CA ARG B 293 16.13 -21.88 25.98
C ARG B 293 16.19 -23.19 25.21
N GLN B 294 15.03 -23.84 25.12
CA GLN B 294 14.91 -25.11 24.39
C GLN B 294 15.35 -24.92 22.93
N LYS B 295 14.92 -23.84 22.29
CA LYS B 295 15.31 -23.56 20.92
C LYS B 295 16.82 -23.46 20.81
N ALA B 296 17.41 -22.62 21.65
CA ALA B 296 18.85 -22.46 21.70
C ALA B 296 19.53 -23.81 21.85
N LYS B 297 19.22 -24.49 22.96
CA LYS B 297 19.81 -25.78 23.30
C LYS B 297 19.76 -26.71 22.10
N ARG B 298 18.64 -26.70 21.37
CA ARG B 298 18.56 -27.55 20.18
C ARG B 298 19.53 -27.07 19.10
N LEU B 299 19.64 -25.75 18.91
CA LEU B 299 20.52 -25.23 17.87
C LEU B 299 21.98 -25.56 18.16
N GLU B 300 22.38 -25.38 19.42
CA GLU B 300 23.69 -25.74 19.90
C GLU B 300 23.97 -27.20 19.56
N LYS B 301 23.00 -28.05 19.90
CA LYS B 301 23.05 -29.47 19.56
C LYS B 301 23.41 -29.61 18.08
N LEU B 302 22.60 -29.00 17.22
CA LEU B 302 22.75 -29.12 15.78
C LEU B 302 24.12 -28.71 15.27
N LEU B 303 24.81 -27.86 16.01
CA LEU B 303 26.03 -27.25 15.50
C LEU B 303 27.35 -27.86 16.03
N LYS B 304 27.26 -28.87 16.89
CA LYS B 304 28.46 -29.39 17.54
C LYS B 304 29.35 -30.30 16.67
N ASP B 305 28.86 -30.71 15.50
CA ASP B 305 29.68 -31.50 14.57
C ASP B 305 30.34 -30.60 13.51
N ILE B 306 30.51 -29.33 13.84
CA ILE B 306 31.12 -28.38 12.92
C ILE B 306 32.52 -28.02 13.42
N PRO B 307 33.54 -28.49 12.70
CA PRO B 307 34.92 -28.21 13.12
C PRO B 307 35.21 -26.72 13.13
N GLY B 308 35.96 -26.26 14.13
CA GLY B 308 36.33 -24.87 14.24
C GLY B 308 35.38 -24.00 15.06
N LEU B 309 34.16 -24.48 15.30
CA LEU B 309 33.14 -23.66 15.98
C LEU B 309 33.16 -23.79 17.50
N LYS B 310 33.30 -22.68 18.19
CA LYS B 310 33.05 -22.65 19.63
C LYS B 310 31.63 -22.12 19.81
N ILE B 311 30.84 -22.83 20.61
CA ILE B 311 29.42 -22.52 20.79
C ILE B 311 28.99 -22.52 22.25
N SER B 312 28.30 -21.47 22.65
CA SER B 312 27.69 -21.44 23.98
C SER B 312 26.27 -20.89 23.87
N VAL B 313 25.46 -21.22 24.87
CA VAL B 313 24.12 -20.68 24.99
C VAL B 313 24.18 -19.62 26.08
N ILE B 314 23.69 -18.41 25.79
CA ILE B 314 23.69 -17.32 26.76
C ILE B 314 22.34 -16.65 26.92
N LYS B 315 22.08 -16.19 28.14
CA LYS B 315 20.87 -15.45 28.44
C LYS B 315 21.16 -13.99 28.13
N ASP B 316 20.14 -13.24 27.74
CA ASP B 316 20.36 -11.85 27.35
C ASP B 316 19.11 -11.02 27.56
N LYS B 317 19.28 -9.80 28.06
CA LYS B 317 18.19 -8.85 28.20
C LYS B 317 18.16 -8.03 26.92
N ALA B 318 17.19 -8.31 26.04
CA ALA B 318 17.18 -7.71 24.71
C ALA B 318 16.01 -6.78 24.46
N LYS B 319 16.06 -6.06 23.35
CA LYS B 319 15.03 -5.11 23.00
C LYS B 319 14.41 -5.56 21.71
N PRO B 320 13.35 -6.36 21.78
CA PRO B 320 12.75 -6.98 20.59
C PRO B 320 11.79 -6.02 19.88
N GLY B 321 11.63 -4.81 20.40
CA GLY B 321 10.64 -3.89 19.87
C GLY B 321 11.11 -3.01 18.73
N GLY B 322 12.42 -2.88 18.55
CA GLY B 322 12.94 -2.04 17.49
C GLY B 322 13.06 -0.56 17.87
N GLY B 323 13.62 0.23 16.96
CA GLY B 323 13.88 1.65 17.20
C GLY B 323 12.66 2.50 17.48
N SER B 324 11.46 1.97 17.21
CA SER B 324 10.25 2.70 17.52
C SER B 324 9.79 2.40 18.94
N LEU B 325 10.19 1.24 19.47
CA LEU B 325 9.72 0.82 20.80
C LEU B 325 10.88 0.37 21.71
N PRO B 326 11.84 1.27 21.99
CA PRO B 326 13.04 0.86 22.74
C PRO B 326 12.76 0.64 24.22
N GLU B 327 11.49 0.78 24.59
CA GLU B 327 11.02 0.62 25.95
C GLU B 327 10.77 -0.85 26.24
N LEU B 328 10.34 -1.56 25.20
CA LEU B 328 10.07 -2.98 25.32
C LEU B 328 11.37 -3.74 25.59
N GLU B 329 11.44 -4.34 26.77
CA GLU B 329 12.61 -5.12 27.18
C GLU B 329 12.13 -6.52 27.59
N LEU B 330 12.71 -7.55 26.99
CA LEU B 330 12.40 -8.93 27.33
C LEU B 330 13.66 -9.76 27.40
N PRO B 331 13.66 -10.76 28.30
CA PRO B 331 14.75 -11.73 28.34
C PRO B 331 14.65 -12.61 27.11
N THR B 332 15.78 -13.13 26.62
CA THR B 332 15.79 -14.12 25.55
C THR B 332 16.99 -15.03 25.70
N TYR B 333 17.05 -16.11 24.93
CA TYR B 333 18.28 -16.92 24.83
C TYR B 333 18.91 -16.77 23.44
N CYS B 334 20.24 -16.60 23.43
CA CYS B 334 20.99 -16.56 22.19
C CYS B 334 22.01 -17.68 22.10
N VAL B 335 22.31 -18.10 20.87
CA VAL B 335 23.43 -18.99 20.67
C VAL B 335 24.61 -18.18 20.17
N ALA B 336 25.72 -18.26 20.91
CA ALA B 336 26.93 -17.53 20.57
C ALA B 336 27.89 -18.48 19.87
N ILE B 337 28.40 -18.04 18.72
CA ILE B 337 29.40 -18.83 17.99
C ILE B 337 30.66 -18.02 17.64
N ARG B 338 31.79 -18.73 17.56
CA ARG B 338 33.06 -18.13 17.17
C ARG B 338 33.79 -19.21 16.38
N HIS B 339 34.37 -18.85 15.23
CA HIS B 339 35.14 -19.80 14.45
C HIS B 339 36.65 -19.52 14.62
N ASP B 340 37.47 -20.55 14.44
CA ASP B 340 38.92 -20.38 14.65
C ASP B 340 39.66 -19.78 13.45
N ARG B 341 39.01 -19.75 12.30
CA ARG B 341 39.66 -19.26 11.10
C ARG B 341 38.92 -18.10 10.43
N LEU B 342 37.62 -17.97 10.72
CA LEU B 342 36.85 -16.84 10.18
C LEU B 342 36.39 -15.89 11.28
N SER B 343 36.59 -14.60 11.05
CA SER B 343 36.11 -13.56 11.94
C SER B 343 34.59 -13.47 11.90
N SER B 344 34.01 -12.93 12.96
CA SER B 344 32.57 -12.77 13.05
C SER B 344 32.00 -11.95 11.88
N GLN B 345 32.66 -10.83 11.55
CA GLN B 345 32.24 -9.98 10.44
C GLN B 345 32.17 -10.75 9.11
N GLU B 346 33.22 -11.52 8.82
CA GLU B 346 33.30 -12.27 7.57
C GLU B 346 32.29 -13.39 7.61
N LEU B 347 32.15 -14.00 8.79
CA LEU B 347 31.15 -15.05 8.93
C LEU B 347 29.74 -14.45 8.70
N SER B 348 29.47 -13.29 9.31
CA SER B 348 28.26 -12.51 9.06
C SER B 348 28.04 -12.28 7.59
N ARG B 349 29.05 -11.71 6.93
CA ARG B 349 28.95 -11.36 5.51
C ARG B 349 28.56 -12.62 4.75
N ARG B 350 29.20 -13.74 5.09
CA ARG B 350 28.91 -14.96 4.34
C ARG B 350 27.47 -15.43 4.54
N LEU B 351 27.01 -15.40 5.79
CA LEU B 351 25.66 -15.78 6.16
C LEU B 351 24.58 -14.95 5.46
N ARG B 352 24.80 -13.65 5.35
CA ARG B 352 23.90 -12.79 4.59
C ARG B 352 23.84 -13.17 3.10
N LEU B 353 24.87 -13.85 2.60
CA LEU B 353 24.94 -14.18 1.17
C LEU B 353 24.34 -15.55 0.86
N ALA B 354 23.96 -16.26 1.91
CA ALA B 354 23.44 -17.60 1.75
C ALA B 354 22.01 -17.59 1.19
N GLU B 355 21.48 -18.77 0.92
CA GLU B 355 20.17 -18.93 0.32
C GLU B 355 19.41 -19.99 1.09
N PRO B 356 18.53 -19.57 2.02
CA PRO B 356 18.20 -18.17 2.34
C PRO B 356 19.25 -17.47 3.19
N PRO B 357 19.32 -16.14 3.08
CA PRO B 357 20.24 -15.36 3.91
C PRO B 357 19.88 -15.52 5.39
N ILE B 358 20.90 -15.44 6.25
CA ILE B 358 20.67 -15.47 7.68
C ILE B 358 21.21 -14.18 8.24
N VAL B 359 20.40 -13.48 9.04
CA VAL B 359 20.85 -12.23 9.62
C VAL B 359 20.91 -12.35 11.13
N CYS B 360 22.13 -12.43 11.65
CA CYS B 360 22.33 -12.54 13.10
C CYS B 360 22.79 -11.18 13.58
N ARG B 361 23.08 -11.05 14.87
CA ARG B 361 23.67 -9.80 15.34
C ARG B 361 25.04 -10.05 15.90
N ILE B 362 25.84 -8.98 15.97
CA ILE B 362 27.21 -9.10 16.44
C ILE B 362 27.38 -8.46 17.80
N ARG B 363 28.02 -9.19 18.71
CA ARG B 363 28.40 -8.60 19.97
C ARG B 363 29.84 -8.96 20.34
N GLU B 364 30.65 -7.93 20.60
CA GLU B 364 32.01 -8.08 21.14
C GLU B 364 32.79 -9.20 20.45
N ASP B 365 32.76 -9.22 19.12
CA ASP B 365 33.46 -10.23 18.32
C ASP B 365 32.84 -11.65 18.44
N GLN B 366 31.54 -11.71 18.70
CA GLN B 366 30.85 -12.98 18.62
C GLN B 366 29.61 -12.85 17.77
N LEU B 367 29.20 -13.94 17.13
CA LEU B 367 27.93 -13.94 16.41
C LEU B 367 26.81 -14.50 17.30
N LEU B 368 25.77 -13.70 17.51
CA LEU B 368 24.62 -14.13 18.30
C LEU B 368 23.43 -14.53 17.42
N PHE B 369 22.87 -15.69 17.70
CA PHE B 369 21.61 -16.09 17.10
C PHE B 369 20.53 -15.98 18.17
N ASP B 370 19.64 -15.01 18.01
CA ASP B 370 18.62 -14.75 19.03
C ASP B 370 17.34 -15.53 18.70
N MSE B 371 16.98 -16.44 19.60
CA MSE B 371 15.83 -17.36 19.41
C MSE B 371 14.44 -16.72 19.37
O MSE B 371 13.49 -17.32 18.86
CB MSE B 371 15.86 -18.47 20.49
CG MSE B 371 17.12 -19.37 20.49
SE MSE B 371 17.46 -20.36 18.80
CE MSE B 371 18.59 -19.02 17.87
N ARG B 372 14.32 -15.51 19.91
CA ARG B 372 13.07 -14.77 19.91
C ARG B 372 12.50 -14.69 18.49
N THR B 373 13.36 -14.49 17.51
CA THR B 373 12.90 -14.27 16.13
C THR B 373 13.16 -15.40 15.15
N VAL B 374 13.91 -16.42 15.59
CA VAL B 374 14.21 -17.56 14.73
C VAL B 374 13.06 -18.54 14.83
N PHE B 375 12.59 -19.05 13.70
CA PHE B 375 11.46 -19.98 13.73
C PHE B 375 12.02 -21.38 13.85
N HIS B 376 11.28 -22.29 14.46
CA HIS B 376 11.79 -23.64 14.68
C HIS B 376 12.19 -24.38 13.40
N GLU B 377 11.37 -24.30 12.36
CA GLU B 377 11.66 -25.03 11.12
C GLU B 377 12.98 -24.60 10.45
N ASP B 378 13.50 -23.45 10.84
CA ASP B 378 14.70 -22.92 10.21
C ASP B 378 16.01 -23.27 10.96
N LEU B 379 15.90 -23.93 12.10
CA LEU B 379 17.11 -24.33 12.82
C LEU B 379 17.97 -25.22 11.93
N LYS B 380 17.36 -26.23 11.32
CA LYS B 380 18.06 -27.11 10.41
C LYS B 380 18.78 -26.30 9.34
N THR B 381 18.16 -25.22 8.87
CA THR B 381 18.73 -24.44 7.80
C THR B 381 19.97 -23.68 8.25
N ILE B 382 19.95 -23.18 9.48
CA ILE B 382 21.09 -22.43 10.01
C ILE B 382 22.28 -23.37 10.02
N LYS B 383 22.04 -24.58 10.49
CA LYS B 383 23.08 -25.56 10.63
C LYS B 383 23.71 -25.96 9.30
N LYS B 384 22.86 -26.40 8.36
CA LYS B 384 23.31 -26.78 7.02
C LYS B 384 24.13 -25.67 6.39
N THR B 385 23.61 -24.46 6.54
CA THR B 385 24.25 -23.30 5.96
C THR B 385 25.60 -23.05 6.62
N LEU B 386 25.64 -23.19 7.95
CA LEU B 386 26.89 -22.92 8.65
C LEU B 386 27.95 -23.91 8.22
N GLN B 387 27.58 -25.16 8.04
CA GLN B 387 28.59 -26.13 7.74
C GLN B 387 29.06 -26.06 6.29
N GLU B 388 28.20 -25.61 5.38
CA GLU B 388 28.66 -25.37 4.02
C GLU B 388 29.65 -24.21 3.97
N LEU B 389 29.36 -23.17 4.75
CA LEU B 389 30.19 -21.97 4.77
C LEU B 389 31.58 -22.15 5.40
N LEU B 390 31.67 -23.03 6.40
CA LEU B 390 32.93 -23.26 7.10
C LEU B 390 33.65 -24.47 6.51
N SER B 391 33.27 -24.80 5.28
CA SER B 391 33.82 -25.96 4.57
C SER B 391 34.58 -25.51 3.31
N ILE B 392 35.31 -26.42 2.69
CA ILE B 392 36.11 -26.10 1.51
C ILE B 392 35.71 -26.88 0.25
S1 THJ C . 12.97 6.26 7.91
O1 THJ C . 12.15 7.46 7.78
O2 THJ C . 13.95 6.45 8.95
O3 THJ C . 13.67 6.04 6.68
S2 THJ C . 11.85 4.64 8.40
S1 THJ D . 12.99 4.18 1.30
O1 THJ D . 12.37 4.09 -0.03
O2 THJ D . 14.33 4.72 1.24
O3 THJ D . 13.03 2.86 1.95
S2 THJ D . 12.05 5.56 2.38
S1 THJ E . -4.25 -17.61 -12.39
O1 THJ E . -5.17 -18.69 -12.68
O2 THJ E . -2.89 -18.02 -12.66
O3 THJ E . -4.37 -17.27 -11.00
S2 THJ E . -4.74 -16.08 -13.60
S1 THJ F . -11.66 8.94 -6.95
O1 THJ F . -12.29 8.89 -5.66
O2 THJ F . -10.53 9.84 -6.83
O3 THJ F . -12.61 9.49 -7.90
S2 THJ F . -11.07 7.11 -7.56
S1 THJ G . -12.23 6.05 -0.82
O1 THJ G . -13.53 6.67 -0.71
O2 THJ G . -11.35 7.04 -1.41
O3 THJ G . -12.34 4.84 -1.64
S2 THJ G . -11.48 5.55 0.99
#